data_6DUC
#
_entry.id   6DUC
#
_cell.length_a   184.261
_cell.length_b   60.044
_cell.length_c   67.298
_cell.angle_alpha   90.000
_cell.angle_beta   94.650
_cell.angle_gamma   90.000
#
_symmetry.space_group_name_H-M   'C 1 2 1'
#
loop_
_entity.id
_entity.type
_entity.pdbx_description
1 polymer 'Tryptophan synthase alpha chain'
2 polymer 'Tryptophan synthase beta chain'
3 non-polymer '2-({[4-(TRIFLUOROMETHOXY)PHENYL]SULFONYL}AMINO)ETHYL DIHYDROGEN PHOSPHATE'
4 non-polymer 'DIMETHYL SULFOXIDE'
5 non-polymer 1,2-ETHANEDIOL
6 non-polymer 'CHLORIDE ION'
7 non-polymer '(2E)-2-[({3-hydroxy-2-methyl-5-[(phosphonooxy)methyl]pyridin-4-yl}methyl)imino]-3-[(2-hydroxyphenyl)amino]propanoic acid'
8 non-polymer 2-AMINOPYRIDINE
9 non-polymer 'CESIUM ION'
10 water water
#
loop_
_entity_poly.entity_id
_entity_poly.type
_entity_poly.pdbx_seq_one_letter_code
_entity_poly.pdbx_strand_id
1 'polypeptide(L)'
;MERYENLFAQLNDRREGAFVPFVTLGDPGIEQSLKIIDTLIDAGADALELGVPFSDPLADGPTIQNANLRAFAAGVTPAQ
CFEMLALIREKHPTIPIGLLMYANLVFNNGIDAFYARCEQVGVDSVLVADVPVEESAPFRQAALRHNIAPIFICPPNADD
DLLRQVASYGRGYTYLLSRSGVTGAENRGALPLHHLIEKLKEYHAAPALQGFGISSPEQVSAAVRAGAAGAISGSAIVKI
IEKNLASPKQMLAELRSFVSAMKAASRA
;
A
2 'polypeptide(L)'
;MTTLLNPYFGEFGGMYVPQILMPALNQLEEAFVSAQKDPEFQAQFADLLKNYAGRPTALTKCQNITAGTRTTLYLKREDL
LHGGAHKTNQVLGQALLAKRMGKSEIIAETGAGQHGVASALASALLGLKCRIYMGAKDVERQSPNVFRMRLMGAEVIPVH
SGSATLTDACNEALRDWSGSYETAHYMLGTAAGPHPYPTIVREFQRMIGEETKAQILDKEGRLPDAVIACVGGGSNAIGM
FADFINDTSVGLIGVEPGGHGIETGEHGAPLKHGRVGIYFGMKAPMMQTADGQIEESYSISAGLDFPSVGPQHAYLNSIG
RADYVSITDDEALEAFKTLCRHEGIIPALESSHALAHALKMMREQPEKEQLLVVNLSGRGDKDIFTVHDILKARGEI
;
B
#
# COMPACT_ATOMS: atom_id res chain seq x y z
N MET A 1 19.20 -23.06 -10.13
CA MET A 1 18.24 -23.77 -9.29
C MET A 1 18.71 -25.21 -8.98
N GLU A 2 19.78 -25.63 -9.69
CA GLU A 2 20.30 -27.00 -9.53
C GLU A 2 20.73 -27.27 -8.09
N ARG A 3 21.22 -26.26 -7.37
CA ARG A 3 21.62 -26.47 -5.99
C ARG A 3 20.47 -26.95 -5.13
N TYR A 4 19.23 -26.48 -5.39
CA TYR A 4 18.08 -26.99 -4.65
C TYR A 4 17.82 -28.45 -4.98
N GLU A 5 17.89 -28.79 -6.26
CA GLU A 5 17.72 -30.17 -6.71
C GLU A 5 18.68 -31.11 -6.00
N ASN A 6 19.96 -30.73 -5.96
CA ASN A 6 20.97 -31.57 -5.32
C ASN A 6 20.80 -31.64 -3.81
N LEU A 7 20.37 -30.55 -3.18
CA LEU A 7 20.19 -30.60 -1.73
C LEU A 7 19.04 -31.52 -1.35
N PHE A 8 17.93 -31.46 -2.09
CA PHE A 8 16.77 -32.28 -1.74
C PHE A 8 17.03 -33.74 -2.04
N ALA A 9 17.84 -34.02 -3.07
CA ALA A 9 18.26 -35.39 -3.34
C ALA A 9 19.06 -35.97 -2.17
N GLN A 10 20.05 -35.22 -1.68
CA GLN A 10 20.87 -35.71 -0.58
C GLN A 10 20.09 -35.76 0.72
N LEU A 11 19.18 -34.80 0.96
CA LEU A 11 18.36 -34.89 2.17
C LEU A 11 17.42 -36.09 2.10
N ASN A 12 17.05 -36.51 0.89
CA ASN A 12 16.24 -37.72 0.72
C ASN A 12 17.05 -38.97 1.04
N ASP A 13 18.29 -39.02 0.58
CA ASP A 13 19.20 -40.12 0.86
C ASP A 13 19.75 -40.07 2.26
N ARG A 14 19.17 -39.25 3.12
CA ARG A 14 19.56 -39.19 4.51
C ARG A 14 18.36 -39.21 5.46
N ARG A 15 17.13 -39.28 4.94
CA ARG A 15 15.92 -39.36 5.76
C ARG A 15 15.81 -38.18 6.71
N GLU A 16 15.90 -36.97 6.16
CA GLU A 16 15.81 -35.78 6.99
C GLU A 16 15.32 -34.61 6.14
N GLY A 17 14.70 -33.64 6.82
CA GLY A 17 14.25 -32.42 6.18
C GLY A 17 15.34 -31.34 6.19
N ALA A 18 15.03 -30.22 5.54
CA ALA A 18 15.94 -29.10 5.51
C ALA A 18 15.56 -28.10 6.58
N PHE A 19 16.57 -27.56 7.28
CA PHE A 19 16.34 -26.38 8.12
C PHE A 19 16.91 -25.16 7.41
N VAL A 20 16.09 -24.11 7.23
CA VAL A 20 16.46 -22.96 6.43
C VAL A 20 16.23 -21.69 7.24
N PRO A 21 17.25 -21.16 7.90
CA PRO A 21 17.09 -19.90 8.62
C PRO A 21 17.00 -18.72 7.66
N PHE A 22 16.42 -17.63 8.17
CA PHE A 22 16.30 -16.36 7.45
C PHE A 22 16.98 -15.28 8.27
N VAL A 23 17.76 -14.42 7.61
CA VAL A 23 18.22 -13.19 8.23
C VAL A 23 18.15 -12.09 7.18
N THR A 24 18.10 -10.85 7.66
CA THR A 24 18.27 -9.72 6.76
C THR A 24 19.74 -9.43 6.58
N LEU A 25 20.15 -9.28 5.32
CA LEU A 25 21.54 -8.99 5.01
C LEU A 25 21.95 -7.67 5.66
N GLY A 26 23.08 -7.69 6.38
CA GLY A 26 23.65 -6.48 6.94
C GLY A 26 23.16 -6.14 8.33
N ASP A 27 22.36 -7.01 8.94
CA ASP A 27 21.89 -6.85 10.29
C ASP A 27 22.84 -7.58 11.24
N PRO A 28 23.52 -6.87 12.18
CA PRO A 28 23.40 -5.44 12.50
C PRO A 28 24.43 -4.57 11.80
N GLY A 29 25.40 -5.23 11.16
CA GLY A 29 26.34 -4.57 10.28
C GLY A 29 26.79 -5.63 9.29
N ILE A 30 27.49 -5.19 8.25
CA ILE A 30 27.87 -6.10 7.18
C ILE A 30 28.77 -7.22 7.71
N GLU A 31 29.83 -6.84 8.43
CA GLU A 31 30.79 -7.83 8.90
C GLU A 31 30.16 -8.80 9.89
N GLN A 32 29.30 -8.32 10.79
CA GLN A 32 28.64 -9.21 11.74
C GLN A 32 27.63 -10.10 11.06
N SER A 33 27.00 -9.60 10.00
CA SER A 33 26.02 -10.38 9.26
C SER A 33 26.69 -11.57 8.56
N LEU A 34 27.78 -11.30 7.84
CA LEU A 34 28.54 -12.38 7.21
C LEU A 34 28.97 -13.41 8.23
N LYS A 35 29.45 -12.95 9.39
CA LYS A 35 29.84 -13.87 10.44
C LYS A 35 28.65 -14.66 10.97
N ILE A 36 27.50 -13.99 11.14
CA ILE A 36 26.28 -14.68 11.57
C ILE A 36 25.95 -15.81 10.60
N ILE A 37 25.99 -15.51 9.30
CA ILE A 37 25.54 -16.47 8.29
C ILE A 37 26.49 -17.67 8.24
N ASP A 38 27.80 -17.44 8.35
CA ASP A 38 28.74 -18.56 8.45
C ASP A 38 28.42 -19.42 9.68
N THR A 39 28.10 -18.78 10.81
CA THR A 39 27.74 -19.54 12.01
C THR A 39 26.46 -20.33 11.78
N LEU A 40 25.49 -19.75 11.08
CA LEU A 40 24.29 -20.50 10.72
C LEU A 40 24.66 -21.74 9.90
N ILE A 41 25.55 -21.58 8.92
CA ILE A 41 25.87 -22.69 8.03
C ILE A 41 26.72 -23.73 8.75
N ASP A 42 27.61 -23.28 9.63
CA ASP A 42 28.42 -24.21 10.41
C ASP A 42 27.58 -25.01 11.39
N ALA A 43 26.54 -24.39 11.95
CA ALA A 43 25.65 -25.07 12.90
C ALA A 43 24.68 -26.02 12.22
N GLY A 44 24.59 -26.00 10.89
CA GLY A 44 23.82 -27.01 10.17
C GLY A 44 22.71 -26.51 9.28
N ALA A 45 22.73 -25.24 8.88
CA ALA A 45 21.72 -24.75 7.96
C ALA A 45 21.86 -25.45 6.63
N ASP A 46 20.74 -25.96 6.09
CA ASP A 46 20.79 -26.65 4.80
C ASP A 46 20.75 -25.69 3.62
N ALA A 47 19.98 -24.62 3.76
CA ALA A 47 19.91 -23.57 2.75
C ALA A 47 19.65 -22.27 3.49
N LEU A 48 19.68 -21.18 2.75
CA LEU A 48 19.50 -19.86 3.33
C LEU A 48 18.34 -19.16 2.63
N GLU A 49 17.56 -18.42 3.41
CA GLU A 49 16.65 -17.39 2.91
C GLU A 49 17.19 -16.06 3.41
N LEU A 50 17.47 -15.13 2.48
CA LEU A 50 18.12 -13.87 2.83
C LEU A 50 17.30 -12.66 2.40
N GLY A 51 17.01 -11.77 3.35
CA GLY A 51 16.26 -10.55 3.06
C GLY A 51 17.17 -9.38 2.69
N VAL A 52 16.78 -8.67 1.64
CA VAL A 52 17.43 -7.39 1.31
C VAL A 52 16.66 -6.26 2.01
N PRO A 53 17.32 -5.40 2.77
CA PRO A 53 16.58 -4.32 3.48
C PRO A 53 15.68 -3.55 2.55
N PHE A 54 14.41 -3.42 2.92
CA PHE A 54 13.43 -2.65 2.15
C PHE A 54 12.73 -1.66 3.09
N SER A 55 12.35 -0.52 2.53
CA SER A 55 11.83 0.57 3.37
C SER A 55 10.49 0.23 3.97
N ASP A 56 9.75 -0.67 3.34
CA ASP A 56 8.37 -0.95 3.73
C ASP A 56 8.08 -2.44 3.58
N PRO A 57 8.59 -3.26 4.50
CA PRO A 57 8.40 -4.71 4.39
C PRO A 57 7.00 -5.13 4.85
N LEU A 58 6.04 -5.07 3.91
CA LEU A 58 4.63 -5.30 4.17
C LEU A 58 4.32 -6.64 4.82
N ALA A 59 5.08 -7.68 4.49
CA ALA A 59 4.77 -9.02 4.96
C ALA A 59 5.50 -9.38 6.25
N ASP A 60 6.19 -8.43 6.85
CA ASP A 60 7.03 -8.68 8.01
C ASP A 60 6.48 -7.97 9.24
N GLY A 61 6.37 -8.72 10.36
CA GLY A 61 6.04 -8.16 11.64
C GLY A 61 7.22 -7.44 12.27
N PRO A 62 7.03 -6.98 13.52
CA PRO A 62 8.00 -6.02 14.10
C PRO A 62 9.40 -6.57 14.24
N THR A 63 9.57 -7.87 14.48
CA THR A 63 10.91 -8.40 14.67
C THR A 63 11.75 -8.19 13.43
N ILE A 64 11.21 -8.56 12.27
CA ILE A 64 11.97 -8.42 11.03
C ILE A 64 11.91 -6.97 10.53
N GLN A 65 10.86 -6.21 10.86
CA GLN A 65 10.92 -4.77 10.62
C GLN A 65 12.14 -4.17 11.28
N ASN A 66 12.41 -4.56 12.53
CA ASN A 66 13.53 -3.97 13.24
C ASN A 66 14.86 -4.45 12.69
N ALA A 67 14.92 -5.67 12.19
CA ALA A 67 16.09 -6.11 11.43
C ALA A 67 16.36 -5.18 10.24
N ASN A 68 15.33 -4.92 9.43
CA ASN A 68 15.51 -4.01 8.29
C ASN A 68 16.06 -2.66 8.74
N LEU A 69 15.53 -2.13 9.84
CA LEU A 69 15.94 -0.82 10.33
C LEU A 69 17.41 -0.82 10.76
N ARG A 70 17.81 -1.81 11.56
CA ARG A 70 19.21 -1.98 11.94
C ARG A 70 20.13 -1.96 10.73
N ALA A 71 19.78 -2.70 9.69
CA ALA A 71 20.58 -2.71 8.48
C ALA A 71 20.69 -1.31 7.89
N PHE A 72 19.55 -0.62 7.78
CA PHE A 72 19.58 0.75 7.26
C PHE A 72 20.39 1.67 8.17
N ALA A 73 20.35 1.42 9.48
CA ALA A 73 21.16 2.20 10.41
C ALA A 73 22.65 1.97 10.18
N ALA A 74 23.03 0.83 9.61
CA ALA A 74 24.40 0.58 9.22
C ALA A 74 24.68 0.99 7.78
N GLY A 75 23.73 1.66 7.13
CA GLY A 75 23.96 2.15 5.79
C GLY A 75 23.92 1.09 4.71
N VAL A 76 23.25 -0.03 4.98
CA VAL A 76 23.24 -1.17 4.07
C VAL A 76 22.31 -0.89 2.90
N THR A 77 22.86 -0.95 1.69
CA THR A 77 22.16 -0.78 0.43
C THR A 77 22.03 -2.12 -0.29
N PRO A 78 21.10 -2.22 -1.24
CA PRO A 78 21.04 -3.43 -2.08
C PRO A 78 22.36 -3.74 -2.75
N ALA A 79 23.12 -2.71 -3.16
CA ALA A 79 24.42 -2.96 -3.76
C ALA A 79 25.35 -3.69 -2.81
N GLN A 80 25.36 -3.27 -1.54
CA GLN A 80 26.22 -3.92 -0.57
C GLN A 80 25.78 -5.34 -0.32
N CYS A 81 24.45 -5.56 -0.30
CA CYS A 81 23.92 -6.92 -0.20
C CYS A 81 24.46 -7.81 -1.31
N PHE A 82 24.53 -7.30 -2.55
CA PHE A 82 25.03 -8.16 -3.62
C PHE A 82 26.50 -8.46 -3.45
N GLU A 83 27.27 -7.54 -2.87
CA GLU A 83 28.65 -7.84 -2.51
C GLU A 83 28.72 -8.89 -1.41
N MET A 84 27.81 -8.82 -0.43
CA MET A 84 27.76 -9.85 0.59
C MET A 84 27.39 -11.19 -0.02
N LEU A 85 26.39 -11.19 -0.90
CA LEU A 85 25.95 -12.46 -1.50
C LEU A 85 27.11 -13.13 -2.22
N ALA A 86 27.96 -12.33 -2.87
CA ALA A 86 29.10 -12.89 -3.62
C ALA A 86 30.12 -13.49 -2.67
N LEU A 87 30.34 -12.85 -1.52
CA LEU A 87 31.23 -13.39 -0.49
C LEU A 87 30.67 -14.66 0.14
N ILE A 88 29.36 -14.72 0.40
CA ILE A 88 28.77 -15.95 0.93
C ILE A 88 28.90 -17.10 -0.07
N ARG A 89 28.52 -16.86 -1.32
CA ARG A 89 28.62 -17.90 -2.36
C ARG A 89 30.06 -18.38 -2.52
N GLU A 90 31.03 -17.47 -2.42
CA GLU A 90 32.44 -17.85 -2.60
C GLU A 90 32.91 -18.80 -1.50
N LYS A 91 32.37 -18.65 -0.29
CA LYS A 91 32.69 -19.51 0.85
C LYS A 91 31.92 -20.82 0.83
N HIS A 92 30.77 -20.86 0.17
CA HIS A 92 29.81 -21.96 0.32
C HIS A 92 29.25 -22.33 -1.03
N PRO A 93 29.97 -23.18 -1.79
CA PRO A 93 29.61 -23.36 -3.20
C PRO A 93 28.35 -24.19 -3.44
N THR A 94 27.91 -25.00 -2.48
CA THR A 94 26.76 -25.86 -2.72
C THR A 94 25.53 -25.45 -1.93
N ILE A 95 25.62 -24.45 -1.06
CA ILE A 95 24.48 -24.14 -0.22
C ILE A 95 23.48 -23.35 -1.04
N PRO A 96 22.24 -23.82 -1.17
CA PRO A 96 21.24 -23.03 -1.89
C PRO A 96 21.05 -21.69 -1.21
N ILE A 97 21.01 -20.62 -2.02
CA ILE A 97 20.80 -19.26 -1.52
C ILE A 97 19.53 -18.69 -2.15
N GLY A 98 18.59 -18.32 -1.30
CA GLY A 98 17.33 -17.74 -1.76
C GLY A 98 17.19 -16.33 -1.22
N LEU A 99 16.66 -15.44 -2.04
CA LEU A 99 16.41 -14.06 -1.64
C LEU A 99 14.94 -13.84 -1.32
N LEU A 100 14.69 -13.04 -0.31
CA LEU A 100 13.34 -12.54 0.00
C LEU A 100 13.35 -11.08 -0.42
N MET A 101 12.66 -10.80 -1.50
CA MET A 101 12.56 -9.48 -2.10
C MET A 101 11.15 -8.94 -1.91
N TYR A 102 11.08 -7.61 -1.95
CA TYR A 102 9.86 -6.91 -2.28
C TYR A 102 9.94 -6.41 -3.73
N ALA A 103 8.77 -6.35 -4.37
CA ALA A 103 8.72 -6.10 -5.81
C ALA A 103 9.42 -4.82 -6.23
N ASN A 104 9.32 -3.72 -5.45
CA ASN A 104 9.92 -2.50 -5.98
C ASN A 104 11.42 -2.64 -6.10
N LEU A 105 12.06 -3.45 -5.24
CA LEU A 105 13.51 -3.56 -5.36
C LEU A 105 13.91 -4.40 -6.58
N VAL A 106 13.02 -5.26 -7.06
CA VAL A 106 13.29 -6.05 -8.27
C VAL A 106 13.02 -5.22 -9.51
N PHE A 107 11.93 -4.42 -9.47
CA PHE A 107 11.46 -3.69 -10.63
C PHE A 107 12.30 -2.42 -10.88
N ASN A 108 13.02 -1.96 -9.84
CA ASN A 108 13.56 -0.61 -9.75
C ASN A 108 14.50 -0.28 -10.88
N ASN A 109 15.57 -1.06 -11.00
CA ASN A 109 16.54 -0.88 -12.06
C ASN A 109 16.25 -1.79 -13.25
N GLY A 110 15.05 -2.37 -13.33
CA GLY A 110 14.84 -3.28 -14.45
C GLY A 110 14.78 -4.72 -13.95
N ILE A 111 13.66 -5.40 -14.21
CA ILE A 111 13.49 -6.76 -13.70
C ILE A 111 14.58 -7.67 -14.27
N ASP A 112 14.79 -7.62 -15.58
CA ASP A 112 15.80 -8.49 -16.16
C ASP A 112 17.17 -8.21 -15.54
N ALA A 113 17.55 -6.92 -15.43
CA ALA A 113 18.82 -6.56 -14.81
C ALA A 113 18.92 -7.05 -13.36
N PHE A 114 17.81 -7.11 -12.63
CA PHE A 114 17.90 -7.64 -11.27
C PHE A 114 18.24 -9.11 -11.30
N TYR A 115 17.52 -9.87 -12.08
CA TYR A 115 17.79 -11.31 -12.13
C TYR A 115 19.16 -11.58 -12.73
N ALA A 116 19.63 -10.74 -13.66
CA ALA A 116 20.97 -10.94 -14.19
C ALA A 116 22.01 -10.78 -13.10
N ARG A 117 21.86 -9.77 -12.25
CA ARG A 117 22.78 -9.61 -11.13
C ARG A 117 22.69 -10.77 -10.15
N CYS A 118 21.47 -11.29 -9.90
CA CYS A 118 21.36 -12.46 -9.03
C CYS A 118 22.17 -13.62 -9.57
N GLU A 119 22.07 -13.86 -10.87
CA GLU A 119 22.82 -14.95 -11.48
C GLU A 119 24.32 -14.72 -11.36
N GLN A 120 24.77 -13.48 -11.53
CA GLN A 120 26.20 -13.16 -11.48
C GLN A 120 26.79 -13.48 -10.12
N VAL A 121 26.08 -13.20 -9.04
CA VAL A 121 26.60 -13.46 -7.69
C VAL A 121 26.29 -14.88 -7.22
N GLY A 122 25.57 -15.66 -8.01
CA GLY A 122 25.32 -17.05 -7.63
C GLY A 122 24.08 -17.32 -6.79
N VAL A 123 23.09 -16.42 -6.79
CA VAL A 123 21.82 -16.69 -6.11
C VAL A 123 21.07 -17.81 -6.83
N ASP A 124 20.38 -18.68 -6.07
CA ASP A 124 19.63 -19.79 -6.67
C ASP A 124 18.13 -19.57 -6.82
N SER A 125 17.50 -18.76 -5.96
CA SER A 125 16.06 -18.59 -6.05
C SER A 125 15.72 -17.18 -5.58
N VAL A 126 14.54 -16.74 -5.98
CA VAL A 126 14.03 -15.42 -5.57
C VAL A 126 12.54 -15.54 -5.31
N LEU A 127 12.12 -15.17 -4.09
CA LEU A 127 10.71 -15.06 -3.72
C LEU A 127 10.39 -13.58 -3.61
N VAL A 128 9.40 -13.13 -4.37
CA VAL A 128 8.98 -11.73 -4.30
C VAL A 128 7.65 -11.70 -3.56
N ALA A 129 7.68 -11.16 -2.33
CA ALA A 129 6.62 -11.36 -1.37
C ALA A 129 5.31 -10.74 -1.83
N ASP A 130 5.34 -9.61 -2.55
CA ASP A 130 4.09 -8.94 -2.91
C ASP A 130 3.76 -9.11 -4.40
N VAL A 131 4.25 -10.17 -5.03
CA VAL A 131 3.84 -10.52 -6.38
C VAL A 131 3.13 -11.87 -6.34
N PRO A 132 1.79 -11.88 -6.46
CA PRO A 132 1.05 -13.16 -6.56
C PRO A 132 1.23 -13.82 -7.93
N VAL A 133 0.79 -15.09 -8.04
CA VAL A 133 0.97 -15.78 -9.33
C VAL A 133 0.28 -15.01 -10.45
N GLU A 134 -0.78 -14.26 -10.12
CA GLU A 134 -1.57 -13.53 -11.11
C GLU A 134 -0.77 -12.39 -11.77
N GLU A 135 0.24 -11.85 -11.08
CA GLU A 135 1.12 -10.82 -11.63
C GLU A 135 2.53 -11.30 -11.95
N SER A 136 2.79 -12.61 -11.86
CA SER A 136 4.17 -13.06 -11.81
C SER A 136 4.87 -13.14 -13.17
N ALA A 137 4.16 -13.06 -14.30
CA ALA A 137 4.73 -13.45 -15.58
C ALA A 137 6.08 -12.81 -15.89
N PRO A 138 6.25 -11.48 -15.85
CA PRO A 138 7.57 -10.92 -16.22
C PRO A 138 8.64 -11.25 -15.21
N PHE A 139 8.28 -11.52 -13.95
CA PHE A 139 9.29 -11.89 -12.95
C PHE A 139 9.76 -13.32 -13.18
N ARG A 140 8.82 -14.25 -13.33
CA ARG A 140 9.25 -15.63 -13.48
C ARG A 140 9.90 -15.88 -14.83
N GLN A 141 9.52 -15.15 -15.89
CA GLN A 141 10.23 -15.29 -17.17
C GLN A 141 11.67 -14.81 -17.05
N ALA A 142 11.88 -13.65 -16.41
CA ALA A 142 13.25 -13.15 -16.23
C ALA A 142 14.04 -14.07 -15.29
N ALA A 143 13.39 -14.62 -14.28
CA ALA A 143 14.07 -15.55 -13.37
C ALA A 143 14.60 -16.74 -14.17
N LEU A 144 13.73 -17.36 -14.95
CA LEU A 144 14.16 -18.59 -15.64
C LEU A 144 15.24 -18.29 -16.67
N ARG A 145 15.19 -17.13 -17.34
CA ARG A 145 16.21 -16.81 -18.35
C ARG A 145 17.58 -16.66 -17.75
N HIS A 146 17.66 -16.43 -16.44
CA HIS A 146 18.91 -16.30 -15.72
C HIS A 146 19.13 -17.44 -14.75
N ASN A 147 18.45 -18.58 -14.98
CA ASN A 147 18.66 -19.80 -14.20
C ASN A 147 18.39 -19.59 -12.73
N ILE A 148 17.46 -18.69 -12.41
CA ILE A 148 17.00 -18.42 -11.05
C ILE A 148 15.67 -19.11 -10.87
N ALA A 149 15.51 -19.78 -9.75
CA ALA A 149 14.22 -20.39 -9.50
C ALA A 149 13.25 -19.35 -8.96
N PRO A 150 12.06 -19.21 -9.54
CA PRO A 150 11.03 -18.36 -8.92
C PRO A 150 10.23 -19.15 -7.89
N ILE A 151 10.21 -18.64 -6.67
CA ILE A 151 9.53 -19.31 -5.54
C ILE A 151 8.12 -18.76 -5.42
N PHE A 152 7.13 -19.67 -5.33
CA PHE A 152 5.75 -19.26 -5.18
C PHE A 152 5.20 -19.76 -3.87
N ILE A 153 4.30 -18.97 -3.31
CA ILE A 153 3.65 -19.27 -2.05
C ILE A 153 2.42 -20.12 -2.31
N CYS A 154 2.29 -21.22 -1.56
CA CYS A 154 1.05 -21.99 -1.50
C CYS A 154 0.36 -21.63 -0.20
N PRO A 155 -0.72 -20.83 -0.20
CA PRO A 155 -1.35 -20.39 1.06
C PRO A 155 -2.24 -21.46 1.63
N PRO A 156 -2.62 -21.35 2.93
CA PRO A 156 -3.43 -22.40 3.57
C PRO A 156 -4.68 -22.80 2.79
N ASN A 157 -5.57 -21.84 2.51
CA ASN A 157 -6.76 -22.14 1.71
C ASN A 157 -6.51 -21.66 0.28
N ALA A 158 -5.73 -22.45 -0.44
CA ALA A 158 -5.57 -22.37 -1.88
C ALA A 158 -6.57 -23.29 -2.56
N ASP A 159 -7.06 -22.88 -3.73
CA ASP A 159 -7.94 -23.75 -4.49
C ASP A 159 -7.11 -24.63 -5.41
N ASP A 160 -7.80 -25.45 -6.23
CA ASP A 160 -7.09 -26.35 -7.13
C ASP A 160 -6.38 -25.57 -8.23
N ASP A 161 -6.99 -24.49 -8.73
CA ASP A 161 -6.34 -23.72 -9.79
C ASP A 161 -4.99 -23.17 -9.32
N LEU A 162 -4.96 -22.63 -8.11
CA LEU A 162 -3.71 -22.13 -7.55
C LEU A 162 -2.68 -23.26 -7.43
N LEU A 163 -3.10 -24.40 -6.88
CA LEU A 163 -2.20 -25.55 -6.76
C LEU A 163 -1.56 -25.90 -8.11
N ARG A 164 -2.36 -25.98 -9.17
CA ARG A 164 -1.82 -26.34 -10.46
C ARG A 164 -0.93 -25.24 -11.02
N GLN A 165 -1.30 -23.98 -10.79
CA GLN A 165 -0.45 -22.87 -11.24
C GLN A 165 0.90 -22.90 -10.55
N VAL A 166 0.89 -22.95 -9.22
CA VAL A 166 2.12 -22.94 -8.44
C VAL A 166 3.00 -24.14 -8.81
N ALA A 167 2.38 -25.30 -9.06
CA ALA A 167 3.15 -26.47 -9.45
C ALA A 167 3.90 -26.24 -10.76
N SER A 168 3.22 -25.66 -11.74
CA SER A 168 3.79 -25.47 -13.07
C SER A 168 4.74 -24.28 -13.13
N TYR A 169 4.49 -23.22 -12.34
CA TYR A 169 5.30 -22.00 -12.47
C TYR A 169 6.56 -22.01 -11.62
N GLY A 170 6.54 -22.67 -10.44
CA GLY A 170 7.65 -22.60 -9.51
C GLY A 170 8.78 -23.56 -9.84
N ARG A 171 9.95 -23.30 -9.23
CA ARG A 171 11.12 -24.14 -9.34
C ARG A 171 11.84 -24.07 -8.01
N GLY A 172 12.79 -24.97 -7.79
CA GLY A 172 13.57 -24.95 -6.56
C GLY A 172 12.85 -25.55 -5.36
N TYR A 173 11.93 -24.81 -4.72
CA TYR A 173 11.07 -25.34 -3.65
C TYR A 173 9.74 -24.59 -3.71
N THR A 174 8.68 -25.19 -3.14
CA THR A 174 7.38 -24.52 -2.96
C THR A 174 7.26 -23.99 -1.53
N TYR A 175 6.85 -22.73 -1.36
CA TYR A 175 6.77 -22.12 -0.04
C TYR A 175 5.41 -22.45 0.58
N LEU A 176 5.39 -23.36 1.55
CA LEU A 176 4.14 -23.76 2.23
C LEU A 176 3.87 -22.79 3.38
N LEU A 177 2.88 -21.92 3.19
CA LEU A 177 2.62 -20.85 4.14
C LEU A 177 1.83 -21.39 5.32
N SER A 178 2.34 -21.17 6.53
CA SER A 178 1.74 -21.81 7.71
C SER A 178 0.38 -21.22 8.03
N ARG A 179 0.18 -19.94 7.76
CA ARG A 179 -0.99 -19.23 8.26
C ARG A 179 -1.07 -17.87 7.59
N SER A 180 -2.22 -17.24 7.75
CA SER A 180 -2.37 -15.84 7.38
C SER A 180 -1.48 -14.97 8.27
N GLY A 181 -1.45 -13.67 7.99
CA GLY A 181 -0.73 -12.75 8.85
C GLY A 181 0.63 -12.40 8.30
N VAL A 182 1.46 -11.83 9.17
CA VAL A 182 2.80 -11.38 8.81
C VAL A 182 3.82 -12.23 9.59
N THR A 183 5.09 -12.10 9.23
CA THR A 183 6.10 -12.90 9.90
C THR A 183 6.15 -12.58 11.39
N GLY A 184 6.58 -13.58 12.17
CA GLY A 184 6.76 -13.40 13.60
C GLY A 184 6.86 -14.70 14.37
N ALA A 185 7.72 -14.71 15.39
CA ALA A 185 7.87 -15.85 16.30
C ALA A 185 6.83 -15.85 17.40
N GLU A 186 5.93 -14.88 17.43
CA GLU A 186 4.88 -14.79 18.45
C GLU A 186 3.57 -15.44 18.01
N ASN A 187 3.35 -15.65 16.71
CA ASN A 187 2.12 -16.22 16.17
C ASN A 187 2.43 -17.54 15.49
N ARG A 188 1.93 -18.64 16.07
CA ARG A 188 2.14 -19.98 15.51
C ARG A 188 0.97 -20.39 14.62
N PRO A 192 0.63 -27.45 10.09
CA PRO A 192 0.69 -27.87 8.69
C PRO A 192 -0.64 -28.37 8.15
N LEU A 193 -0.72 -28.48 6.82
CA LEU A 193 -1.90 -29.02 6.14
C LEU A 193 -1.41 -30.13 5.23
N HIS A 194 -1.74 -31.38 5.58
CA HIS A 194 -1.23 -32.51 4.82
C HIS A 194 -1.86 -32.60 3.43
N HIS A 195 -3.08 -32.10 3.26
CA HIS A 195 -3.73 -32.21 1.96
C HIS A 195 -3.00 -31.38 0.91
N LEU A 196 -2.54 -30.18 1.28
CA LEU A 196 -1.80 -29.36 0.34
C LEU A 196 -0.49 -30.02 -0.07
N ILE A 197 0.22 -30.61 0.90
CA ILE A 197 1.50 -31.26 0.63
C ILE A 197 1.33 -32.36 -0.41
N GLU A 198 0.21 -33.08 -0.37
CA GLU A 198 0.07 -34.22 -1.26
C GLU A 198 -0.46 -33.83 -2.63
N LYS A 199 -1.31 -32.80 -2.71
CA LYS A 199 -1.73 -32.34 -4.03
C LYS A 199 -0.55 -31.75 -4.80
N LEU A 200 0.36 -31.06 -4.10
CA LEU A 200 1.53 -30.51 -4.77
C LEU A 200 2.38 -31.62 -5.38
N LYS A 201 2.48 -32.76 -4.70
CA LYS A 201 3.26 -33.87 -5.26
C LYS A 201 2.61 -34.40 -6.52
N GLU A 202 1.29 -34.58 -6.51
CA GLU A 202 0.59 -35.12 -7.67
C GLU A 202 0.80 -34.26 -8.92
N TYR A 203 0.90 -32.95 -8.76
CA TYR A 203 1.05 -32.03 -9.88
C TYR A 203 2.50 -31.78 -10.26
N HIS A 204 3.45 -32.44 -9.60
CA HIS A 204 4.88 -32.33 -9.89
C HIS A 204 5.43 -30.95 -9.50
N ALA A 205 4.98 -30.43 -8.36
CA ALA A 205 5.51 -29.17 -7.85
C ALA A 205 6.88 -29.39 -7.22
N ALA A 206 7.65 -28.31 -7.15
CA ALA A 206 8.88 -28.32 -6.39
C ALA A 206 8.61 -28.68 -4.93
N PRO A 207 9.59 -29.29 -4.24
CA PRO A 207 9.35 -29.73 -2.85
C PRO A 207 9.00 -28.56 -1.93
N ALA A 208 8.26 -28.87 -0.86
CA ALA A 208 7.65 -27.86 -0.01
C ALA A 208 8.47 -27.59 1.24
N LEU A 209 8.61 -26.30 1.58
CA LEU A 209 9.16 -25.87 2.86
C LEU A 209 8.11 -25.03 3.57
N GLN A 210 7.87 -25.29 4.86
CA GLN A 210 6.89 -24.51 5.62
C GLN A 210 7.55 -23.34 6.34
N GLY A 211 6.87 -22.18 6.36
CA GLY A 211 7.40 -20.99 6.99
C GLY A 211 6.28 -20.09 7.47
N PHE A 212 6.65 -18.99 8.16
CA PHE A 212 5.74 -18.19 8.99
C PHE A 212 5.36 -18.82 10.33
N GLY A 213 6.21 -18.63 11.32
CA GLY A 213 5.84 -18.92 12.70
C GLY A 213 6.61 -20.07 13.31
N ILE A 214 7.57 -20.63 12.58
CA ILE A 214 8.35 -21.77 13.06
C ILE A 214 9.48 -21.23 13.94
N SER A 215 9.43 -21.56 15.23
CA SER A 215 10.38 -21.01 16.19
C SER A 215 10.94 -22.05 17.17
N SER A 216 10.54 -23.30 17.08
CA SER A 216 10.97 -24.31 18.03
C SER A 216 11.22 -25.61 17.29
N PRO A 217 12.12 -26.47 17.79
CA PRO A 217 12.41 -27.73 17.09
C PRO A 217 11.19 -28.59 16.84
N GLU A 218 10.21 -28.57 17.75
CA GLU A 218 9.01 -29.39 17.59
C GLU A 218 8.29 -29.05 16.29
N GLN A 219 8.17 -27.76 15.98
CA GLN A 219 7.52 -27.35 14.74
C GLN A 219 8.27 -27.88 13.54
N VAL A 220 9.60 -27.93 13.62
CA VAL A 220 10.40 -28.46 12.53
C VAL A 220 10.11 -29.93 12.31
N SER A 221 10.14 -30.72 13.39
CA SER A 221 9.88 -32.15 13.27
C SER A 221 8.46 -32.40 12.75
N ALA A 222 7.50 -31.55 13.15
CA ALA A 222 6.13 -31.71 12.69
C ALA A 222 6.02 -31.57 11.18
N ALA A 223 6.72 -30.58 10.60
CA ALA A 223 6.64 -30.36 9.15
C ALA A 223 7.21 -31.54 8.39
N VAL A 224 8.37 -32.03 8.81
CA VAL A 224 9.00 -33.15 8.12
C VAL A 224 8.11 -34.38 8.19
N ARG A 225 7.51 -34.63 9.36
CA ARG A 225 6.61 -35.77 9.50
C ARG A 225 5.40 -35.64 8.63
N ALA A 226 4.91 -34.41 8.42
CA ALA A 226 3.76 -34.22 7.55
C ALA A 226 4.08 -34.51 6.09
N GLY A 227 5.32 -34.84 5.75
CA GLY A 227 5.70 -35.11 4.39
C GLY A 227 6.30 -33.94 3.63
N ALA A 228 6.31 -32.74 4.23
CA ALA A 228 7.00 -31.62 3.62
C ALA A 228 8.51 -31.84 3.66
N ALA A 229 9.25 -31.05 2.88
CA ALA A 229 10.69 -31.30 2.78
C ALA A 229 11.50 -30.50 3.78
N GLY A 230 10.90 -29.62 4.58
CA GLY A 230 11.70 -28.82 5.49
C GLY A 230 10.93 -27.60 5.96
N ALA A 231 11.66 -26.68 6.60
CA ALA A 231 11.04 -25.57 7.31
C ALA A 231 11.97 -24.37 7.43
N ILE A 232 11.37 -23.17 7.48
CA ILE A 232 12.07 -21.91 7.52
C ILE A 232 11.70 -21.16 8.81
N SER A 233 12.71 -20.58 9.46
CA SER A 233 12.53 -19.80 10.69
C SER A 233 13.27 -18.48 10.52
N GLY A 234 12.54 -17.37 10.48
CA GLY A 234 13.16 -16.05 10.46
C GLY A 234 13.23 -15.33 11.79
N SER A 235 12.07 -15.09 12.41
CA SER A 235 12.01 -14.21 13.57
C SER A 235 12.74 -14.78 14.76
N ALA A 236 12.63 -16.10 14.98
CA ALA A 236 13.32 -16.70 16.12
C ALA A 236 14.83 -16.48 16.01
N ILE A 237 15.35 -16.60 14.78
CA ILE A 237 16.75 -16.29 14.53
C ILE A 237 17.02 -14.81 14.82
N VAL A 238 16.16 -13.93 14.30
CA VAL A 238 16.43 -12.50 14.35
C VAL A 238 16.45 -11.98 15.79
N LYS A 239 15.57 -12.50 16.65
CA LYS A 239 15.50 -11.99 18.01
C LYS A 239 16.76 -12.29 18.79
N ILE A 240 17.39 -13.43 18.50
CA ILE A 240 18.70 -13.74 19.09
C ILE A 240 19.71 -12.67 18.71
N ILE A 241 19.62 -12.17 17.48
CA ILE A 241 20.45 -11.04 17.09
C ILE A 241 20.07 -9.81 17.89
N GLU A 242 18.76 -9.51 17.97
CA GLU A 242 18.33 -8.29 18.62
C GLU A 242 18.73 -8.27 20.08
N LYS A 243 18.64 -9.41 20.76
CA LYS A 243 18.87 -9.46 22.19
C LYS A 243 20.34 -9.35 22.55
N ASN A 244 21.25 -9.59 21.61
CA ASN A 244 22.67 -9.66 21.92
C ASN A 244 23.49 -8.64 21.13
N LEU A 245 22.87 -7.52 20.72
CA LEU A 245 23.58 -6.50 19.96
C LEU A 245 24.86 -6.02 20.65
N ALA A 246 24.85 -5.97 21.99
CA ALA A 246 25.99 -5.50 22.75
C ALA A 246 27.00 -6.61 23.07
N SER A 247 26.69 -7.87 22.73
CA SER A 247 27.57 -9.00 22.99
C SER A 247 27.72 -9.82 21.71
N PRO A 248 28.58 -9.37 20.79
CA PRO A 248 28.67 -10.06 19.48
C PRO A 248 28.95 -11.55 19.59
N LYS A 249 29.87 -11.96 20.45
CA LYS A 249 30.20 -13.38 20.49
C LYS A 249 29.25 -14.17 21.40
N GLN A 250 28.61 -13.53 22.38
CA GLN A 250 27.50 -14.19 23.03
C GLN A 250 26.33 -14.40 22.07
N MET A 251 26.15 -13.46 21.13
CA MET A 251 25.16 -13.63 20.07
C MET A 251 25.44 -14.89 19.26
N LEU A 252 26.68 -15.05 18.78
CA LEU A 252 27.04 -16.16 17.90
C LEU A 252 26.92 -17.50 18.62
N ALA A 253 27.31 -17.54 19.89
CA ALA A 253 27.17 -18.77 20.67
C ALA A 253 25.70 -19.17 20.76
N GLU A 254 24.82 -18.20 21.02
CA GLU A 254 23.40 -18.49 21.14
C GLU A 254 22.80 -18.86 19.78
N LEU A 255 23.28 -18.23 18.70
CA LEU A 255 22.82 -18.60 17.36
C LEU A 255 23.19 -20.03 17.04
N ARG A 256 24.46 -20.40 17.27
CA ARG A 256 24.91 -21.76 16.97
C ARG A 256 24.13 -22.80 17.76
N SER A 257 23.90 -22.53 19.04
CA SER A 257 23.14 -23.46 19.85
C SER A 257 21.72 -23.64 19.30
N PHE A 258 21.07 -22.51 18.99
CA PHE A 258 19.69 -22.59 18.50
C PHE A 258 19.62 -23.34 17.17
N VAL A 259 20.47 -22.99 16.22
CA VAL A 259 20.42 -23.63 14.90
C VAL A 259 20.72 -25.12 15.01
N SER A 260 21.67 -25.50 15.86
CA SER A 260 21.96 -26.91 16.09
C SER A 260 20.70 -27.66 16.50
N ALA A 261 19.94 -27.08 17.43
CA ALA A 261 18.73 -27.73 17.91
C ALA A 261 17.66 -27.81 16.80
N MET A 262 17.51 -26.73 16.04
CA MET A 262 16.53 -26.75 14.96
C MET A 262 16.93 -27.74 13.86
N LYS A 263 18.20 -27.75 13.47
CA LYS A 263 18.67 -28.70 12.47
C LYS A 263 18.43 -30.14 12.92
N ALA A 264 18.81 -30.45 14.17
CA ALA A 264 18.65 -31.80 14.70
C ALA A 264 17.21 -32.29 14.56
N ALA A 265 16.24 -31.40 14.81
CA ALA A 265 14.84 -31.77 14.76
C ALA A 265 14.39 -32.20 13.38
N SER A 266 15.12 -31.81 12.34
CA SER A 266 14.79 -32.22 10.98
C SER A 266 15.29 -33.62 10.64
N ARG A 267 16.03 -34.27 11.55
CA ARG A 267 16.61 -35.58 11.28
C ARG A 267 15.67 -36.65 11.83
N ALA A 268 15.15 -37.49 10.93
CA ALA A 268 14.23 -38.55 11.33
C ALA A 268 14.99 -39.84 11.60
N THR B 2 -7.48 -14.92 -12.51
CA THR B 2 -8.35 -14.17 -13.38
C THR B 2 -9.20 -13.19 -12.55
N THR B 3 -9.77 -12.20 -13.22
CA THR B 3 -10.63 -11.21 -12.59
C THR B 3 -11.83 -11.00 -13.50
N LEU B 4 -12.88 -10.42 -12.94
CA LEU B 4 -14.04 -10.07 -13.76
C LEU B 4 -13.83 -8.77 -14.52
N LEU B 5 -13.02 -7.88 -13.96
CA LEU B 5 -12.81 -6.54 -14.52
C LEU B 5 -11.33 -6.29 -14.73
N ASN B 6 -11.02 -5.37 -15.65
CA ASN B 6 -9.63 -5.04 -15.95
C ASN B 6 -8.96 -4.40 -14.73
N PRO B 7 -7.89 -4.98 -14.20
CA PRO B 7 -7.21 -4.41 -13.03
C PRO B 7 -6.23 -3.28 -13.36
N TYR B 8 -6.04 -2.97 -14.62
CA TYR B 8 -5.04 -1.99 -15.08
C TYR B 8 -5.67 -0.82 -15.80
N PHE B 9 -4.97 0.32 -15.76
CA PHE B 9 -5.30 1.48 -16.56
C PHE B 9 -4.02 1.70 -17.34
N GLY B 10 -3.97 1.25 -18.59
CA GLY B 10 -2.68 1.22 -19.28
C GLY B 10 -1.69 0.34 -18.53
N GLU B 11 -0.49 0.85 -18.24
CA GLU B 11 0.47 0.06 -17.47
C GLU B 11 0.25 0.13 -15.97
N PHE B 12 -0.67 0.97 -15.47
CA PHE B 12 -0.73 1.25 -14.05
C PHE B 12 -1.85 0.46 -13.41
N GLY B 13 -1.62 0.05 -12.16
CA GLY B 13 -2.65 -0.65 -11.38
C GLY B 13 -2.16 -2.04 -10.99
N GLY B 14 -3.03 -3.02 -11.15
CA GLY B 14 -2.65 -4.38 -10.82
C GLY B 14 -3.02 -4.76 -9.39
N MET B 15 -2.59 -5.98 -9.00
CA MET B 15 -2.87 -6.50 -7.66
C MET B 15 -1.58 -7.02 -7.03
N TYR B 16 -0.72 -6.13 -6.58
CA TYR B 16 0.60 -6.53 -6.06
C TYR B 16 0.53 -6.72 -4.54
N VAL B 17 -0.15 -7.80 -4.17
CA VAL B 17 -0.35 -8.13 -2.75
C VAL B 17 0.11 -9.56 -2.54
N PRO B 18 0.52 -9.93 -1.34
CA PRO B 18 0.86 -11.33 -1.06
C PRO B 18 -0.26 -12.27 -1.48
N GLN B 19 0.13 -13.49 -1.88
CA GLN B 19 -0.82 -14.43 -2.43
C GLN B 19 -1.99 -14.65 -1.46
N ILE B 20 -1.72 -14.55 -0.17
CA ILE B 20 -2.73 -14.84 0.85
C ILE B 20 -3.94 -13.91 0.69
N LEU B 21 -3.74 -12.69 0.18
CA LEU B 21 -4.83 -11.73 0.10
C LEU B 21 -5.62 -11.79 -1.19
N MET B 22 -5.22 -12.65 -2.16
CA MET B 22 -5.92 -12.61 -3.44
C MET B 22 -7.38 -13.06 -3.32
N PRO B 23 -7.70 -14.09 -2.54
CA PRO B 23 -9.13 -14.46 -2.42
C PRO B 23 -9.98 -13.31 -1.92
N ALA B 24 -9.48 -12.56 -0.94
CA ALA B 24 -10.22 -11.41 -0.43
C ALA B 24 -10.48 -10.37 -1.52
N LEU B 25 -9.47 -10.11 -2.36
CA LEU B 25 -9.66 -9.15 -3.44
C LEU B 25 -10.65 -9.67 -4.47
N ASN B 26 -10.53 -10.96 -4.88
CA ASN B 26 -11.50 -11.51 -5.83
C ASN B 26 -12.91 -11.52 -5.23
N GLN B 27 -13.01 -11.77 -3.94
CA GLN B 27 -14.30 -11.78 -3.26
C GLN B 27 -14.92 -10.40 -3.31
N LEU B 28 -14.11 -9.39 -3.08
CA LEU B 28 -14.62 -8.01 -3.11
C LEU B 28 -15.03 -7.62 -4.53
N GLU B 29 -14.23 -8.01 -5.53
CA GLU B 29 -14.57 -7.70 -6.93
C GLU B 29 -15.92 -8.30 -7.31
N GLU B 30 -16.18 -9.58 -7.00
CA GLU B 30 -17.46 -10.14 -7.44
C GLU B 30 -18.62 -9.53 -6.69
N ALA B 31 -18.43 -9.24 -5.40
CA ALA B 31 -19.50 -8.58 -4.64
C ALA B 31 -19.84 -7.22 -5.25
N PHE B 32 -18.81 -6.47 -5.66
CA PHE B 32 -19.02 -5.17 -6.28
C PHE B 32 -19.77 -5.31 -7.60
N VAL B 33 -19.32 -6.24 -8.46
CA VAL B 33 -19.96 -6.45 -9.76
C VAL B 33 -21.42 -6.84 -9.57
N SER B 34 -21.68 -7.69 -8.57
CA SER B 34 -23.04 -8.10 -8.26
C SER B 34 -23.85 -6.93 -7.70
N ALA B 35 -23.27 -6.16 -6.77
CA ALA B 35 -23.99 -5.01 -6.22
C ALA B 35 -24.35 -3.99 -7.29
N GLN B 36 -23.45 -3.77 -8.27
CA GLN B 36 -23.72 -2.75 -9.27
C GLN B 36 -24.89 -3.11 -10.16
N LYS B 37 -25.20 -4.40 -10.30
CA LYS B 37 -26.36 -4.86 -11.05
C LYS B 37 -27.60 -5.01 -10.18
N ASP B 38 -27.51 -4.72 -8.89
CA ASP B 38 -28.58 -5.02 -7.96
C ASP B 38 -29.39 -3.77 -7.66
N PRO B 39 -30.59 -3.63 -8.23
CA PRO B 39 -31.46 -2.47 -7.88
C PRO B 39 -31.61 -2.22 -6.39
N GLU B 40 -31.70 -3.27 -5.57
CA GLU B 40 -31.91 -3.08 -4.14
C GLU B 40 -30.67 -2.49 -3.47
N PHE B 41 -29.47 -2.93 -3.89
CA PHE B 41 -28.24 -2.31 -3.40
C PHE B 41 -28.22 -0.83 -3.74
N GLN B 42 -28.53 -0.50 -4.99
CA GLN B 42 -28.43 0.87 -5.46
C GLN B 42 -29.43 1.76 -4.76
N ALA B 43 -30.63 1.23 -4.49
CA ALA B 43 -31.63 2.02 -3.77
C ALA B 43 -31.21 2.25 -2.32
N GLN B 44 -30.62 1.23 -1.69
N GLN B 44 -30.60 1.24 -1.68
CA GLN B 44 -30.09 1.37 -0.33
CA GLN B 44 -30.10 1.41 -0.32
C GLN B 44 -28.97 2.41 -0.29
C GLN B 44 -28.94 2.40 -0.27
N PHE B 45 -28.03 2.30 -1.23
CA PHE B 45 -26.93 3.26 -1.29
C PHE B 45 -27.45 4.68 -1.52
N ALA B 46 -28.38 4.84 -2.46
CA ALA B 46 -28.93 6.18 -2.71
C ALA B 46 -29.64 6.72 -1.49
N ASP B 47 -30.35 5.86 -0.74
CA ASP B 47 -31.07 6.29 0.44
C ASP B 47 -30.12 6.83 1.48
N LEU B 48 -29.00 6.14 1.70
CA LEU B 48 -28.01 6.62 2.66
C LEU B 48 -27.36 7.91 2.14
N LEU B 49 -27.03 8.01 0.85
CA LEU B 49 -26.43 9.25 0.36
C LEU B 49 -27.33 10.45 0.61
N LYS B 50 -28.63 10.30 0.29
CA LYS B 50 -29.54 11.43 0.37
C LYS B 50 -29.93 11.74 1.80
N ASN B 51 -30.50 10.78 2.47
CA ASN B 51 -31.20 11.05 3.71
C ASN B 51 -30.29 11.00 4.93
N TYR B 52 -29.15 10.32 4.83
CA TYR B 52 -28.17 10.31 5.91
C TYR B 52 -27.00 11.28 5.66
N ALA B 53 -26.44 11.26 4.46
CA ALA B 53 -25.26 12.10 4.21
C ALA B 53 -25.61 13.49 3.68
N GLY B 54 -26.81 13.67 3.10
CA GLY B 54 -27.25 15.00 2.68
C GLY B 54 -27.12 15.35 1.21
N ARG B 55 -26.83 14.38 0.35
CA ARG B 55 -26.69 14.63 -1.09
C ARG B 55 -28.05 14.97 -1.68
N PRO B 56 -28.12 15.74 -2.78
CA PRO B 56 -26.98 16.39 -3.49
C PRO B 56 -26.41 17.58 -2.70
N THR B 57 -25.10 17.74 -2.87
CA THR B 57 -24.38 18.86 -2.28
C THR B 57 -24.48 20.07 -3.20
N ALA B 58 -24.45 21.23 -2.58
CA ALA B 58 -24.64 22.48 -3.31
C ALA B 58 -23.49 22.70 -4.30
N LEU B 59 -23.78 23.45 -5.34
CA LEU B 59 -22.75 24.01 -6.21
C LEU B 59 -22.81 25.53 -6.05
N THR B 60 -21.79 26.09 -5.40
CA THR B 60 -21.82 27.49 -4.95
C THR B 60 -21.06 28.37 -5.96
N LYS B 61 -21.65 29.48 -6.38
CA LYS B 61 -20.94 30.39 -7.29
C LYS B 61 -20.18 31.42 -6.46
N CYS B 62 -18.87 31.49 -6.62
CA CYS B 62 -18.13 32.52 -5.90
C CYS B 62 -18.54 33.87 -6.46
N GLN B 63 -18.72 34.86 -5.61
CA GLN B 63 -18.92 36.21 -6.15
C GLN B 63 -17.64 37.03 -6.03
N ASN B 64 -17.19 37.17 -4.80
CA ASN B 64 -16.16 38.13 -4.45
C ASN B 64 -14.80 37.76 -5.02
N ILE B 65 -14.39 36.50 -4.92
CA ILE B 65 -12.98 36.25 -5.24
C ILE B 65 -12.65 36.29 -6.71
N THR B 66 -13.63 36.30 -7.61
CA THR B 66 -13.30 36.44 -9.03
C THR B 66 -13.58 37.85 -9.57
N ALA B 67 -13.89 38.80 -8.70
CA ALA B 67 -14.32 40.12 -9.16
C ALA B 67 -13.20 40.78 -9.96
N GLY B 68 -13.57 41.37 -11.07
CA GLY B 68 -12.60 42.08 -11.90
C GLY B 68 -11.85 41.18 -12.85
N THR B 69 -12.26 39.91 -12.98
CA THR B 69 -11.68 38.96 -13.94
C THR B 69 -12.80 38.42 -14.82
N ARG B 70 -12.43 37.61 -15.82
CA ARG B 70 -13.45 36.97 -16.63
C ARG B 70 -13.59 35.51 -16.27
N THR B 71 -13.20 35.16 -15.05
CA THR B 71 -13.36 33.80 -14.52
C THR B 71 -14.68 33.73 -13.74
N THR B 72 -15.47 32.70 -14.03
CA THR B 72 -16.64 32.33 -13.22
C THR B 72 -16.24 31.05 -12.50
N LEU B 73 -16.30 31.07 -11.16
CA LEU B 73 -15.79 29.96 -10.35
C LEU B 73 -16.91 29.42 -9.48
N TYR B 74 -17.17 28.13 -9.63
CA TYR B 74 -18.09 27.38 -8.76
C TYR B 74 -17.30 26.43 -7.87
N LEU B 75 -17.85 26.21 -6.66
CA LEU B 75 -17.29 25.29 -5.68
C LEU B 75 -18.31 24.17 -5.45
N LYS B 76 -17.89 22.93 -5.72
CA LYS B 76 -18.75 21.78 -5.48
C LYS B 76 -18.60 21.46 -4.00
N ARG B 77 -19.67 21.62 -3.22
CA ARG B 77 -19.56 21.71 -1.75
C ARG B 77 -19.57 20.35 -1.05
N GLU B 78 -18.49 19.57 -1.24
CA GLU B 78 -18.38 18.34 -0.47
C GLU B 78 -18.07 18.64 1.00
N ASP B 79 -17.62 19.84 1.33
CA ASP B 79 -17.48 20.26 2.73
C ASP B 79 -18.78 20.19 3.48
N LEU B 80 -19.91 20.16 2.80
CA LEU B 80 -21.20 20.12 3.50
C LEU B 80 -21.68 18.69 3.73
N LEU B 81 -20.97 17.71 3.19
CA LEU B 81 -21.42 16.34 3.40
C LEU B 81 -21.30 15.97 4.87
N HIS B 82 -22.18 15.05 5.32
CA HIS B 82 -22.08 14.59 6.69
C HIS B 82 -20.67 14.03 6.92
N GLY B 83 -20.04 14.47 8.02
CA GLY B 83 -18.69 14.09 8.36
C GLY B 83 -17.67 15.16 7.96
N GLY B 84 -18.02 15.98 6.98
CA GLY B 84 -17.25 17.17 6.61
C GLY B 84 -16.36 16.99 5.40
N ALA B 85 -16.47 15.86 4.72
CA ALA B 85 -15.66 15.71 3.52
C ALA B 85 -16.25 14.63 2.65
N HIS B 86 -15.81 14.62 1.41
CA HIS B 86 -16.28 13.70 0.40
C HIS B 86 -16.01 12.24 0.75
N LYS B 87 -15.09 11.97 1.69
CA LYS B 87 -14.73 10.62 2.05
C LYS B 87 -15.95 9.81 2.48
N THR B 88 -16.99 10.49 2.92
CA THR B 88 -18.16 9.78 3.44
C THR B 88 -18.90 9.04 2.32
N ASN B 89 -18.84 9.56 1.08
CA ASN B 89 -19.64 8.94 0.01
C ASN B 89 -19.30 7.46 -0.16
N GLN B 90 -18.05 7.16 -0.49
CA GLN B 90 -17.70 5.80 -0.86
C GLN B 90 -17.65 4.88 0.35
N VAL B 91 -17.44 5.44 1.54
CA VAL B 91 -17.46 4.65 2.76
C VAL B 91 -18.84 4.03 2.95
N LEU B 92 -19.91 4.80 2.68
CA LEU B 92 -21.26 4.24 2.80
C LEU B 92 -21.41 3.04 1.85
N GLY B 93 -20.92 3.19 0.62
CA GLY B 93 -21.00 2.10 -0.35
C GLY B 93 -20.15 0.90 0.02
N GLN B 94 -18.91 1.13 0.50
CA GLN B 94 -18.07 0.01 0.93
C GLN B 94 -18.65 -0.68 2.15
N ALA B 95 -19.29 0.08 3.06
CA ALA B 95 -19.88 -0.54 4.25
C ALA B 95 -21.02 -1.46 3.85
N LEU B 96 -21.81 -1.08 2.86
CA LEU B 96 -22.87 -1.95 2.37
C LEU B 96 -22.29 -3.19 1.68
N LEU B 97 -21.17 -3.02 0.97
CA LEU B 97 -20.48 -4.19 0.41
C LEU B 97 -19.98 -5.12 1.52
N ALA B 98 -19.45 -4.54 2.60
CA ALA B 98 -18.99 -5.38 3.71
C ALA B 98 -20.13 -6.22 4.28
N LYS B 99 -21.27 -5.58 4.57
CA LYS B 99 -22.43 -6.34 5.02
C LYS B 99 -22.85 -7.38 3.98
N ARG B 100 -22.81 -7.01 2.70
CA ARG B 100 -23.14 -7.95 1.64
C ARG B 100 -22.22 -9.17 1.67
N MET B 101 -20.99 -9.00 2.12
CA MET B 101 -20.06 -10.13 2.21
C MET B 101 -20.11 -10.83 3.56
N GLY B 102 -20.97 -10.40 4.47
CA GLY B 102 -21.03 -11.00 5.79
C GLY B 102 -19.90 -10.62 6.71
N LYS B 103 -19.18 -9.54 6.41
CA LYS B 103 -18.13 -9.09 7.30
C LYS B 103 -18.74 -8.31 8.46
N SER B 104 -18.01 -8.27 9.58
CA SER B 104 -18.51 -7.65 10.80
C SER B 104 -17.52 -6.65 11.38
N GLU B 105 -16.29 -6.61 10.89
CA GLU B 105 -15.30 -5.67 11.35
C GLU B 105 -14.83 -4.84 10.16
N ILE B 106 -14.28 -3.67 10.46
CA ILE B 106 -13.72 -2.76 9.46
C ILE B 106 -12.32 -2.38 9.90
N ILE B 107 -11.37 -2.43 8.95
CA ILE B 107 -10.05 -1.82 9.11
C ILE B 107 -9.97 -0.60 8.20
N ALA B 108 -9.35 0.48 8.67
CA ALA B 108 -9.14 1.63 7.79
C ALA B 108 -7.88 2.39 8.18
N GLU B 109 -7.27 3.03 7.18
CA GLU B 109 -6.20 3.97 7.41
C GLU B 109 -6.75 5.38 7.27
N THR B 110 -6.08 6.35 7.90
CA THR B 110 -6.48 7.73 7.70
C THR B 110 -5.30 8.67 7.93
N GLY B 111 -5.26 9.77 7.16
CA GLY B 111 -4.31 10.85 7.49
C GLY B 111 -4.84 12.18 7.98
N ALA B 112 -5.72 12.82 7.19
CA ALA B 112 -6.43 14.00 7.68
C ALA B 112 -7.46 13.62 8.72
N GLY B 113 -7.70 12.32 8.89
CA GLY B 113 -8.72 11.78 9.77
C GLY B 113 -10.12 11.88 9.23
N GLN B 114 -10.29 12.37 7.99
CA GLN B 114 -11.62 12.45 7.41
C GLN B 114 -12.10 11.08 6.96
N HIS B 115 -11.20 10.28 6.37
CA HIS B 115 -11.63 8.93 6.05
C HIS B 115 -11.87 8.13 7.34
N GLY B 116 -11.06 8.36 8.37
CA GLY B 116 -11.30 7.64 9.62
C GLY B 116 -12.65 7.97 10.23
N VAL B 117 -13.01 9.27 10.23
CA VAL B 117 -14.28 9.74 10.74
C VAL B 117 -15.43 9.14 9.95
N ALA B 118 -15.32 9.19 8.62
CA ALA B 118 -16.29 8.54 7.75
C ALA B 118 -16.39 7.02 8.02
N SER B 119 -15.25 6.32 8.16
CA SER B 119 -15.32 4.88 8.45
C SER B 119 -15.99 4.61 9.80
N ALA B 120 -15.69 5.44 10.80
CA ALA B 120 -16.30 5.26 12.13
C ALA B 120 -17.79 5.56 12.10
N LEU B 121 -18.21 6.64 11.43
CA LEU B 121 -19.65 6.95 11.44
C LEU B 121 -20.46 5.92 10.66
N ALA B 122 -19.94 5.42 9.53
CA ALA B 122 -20.67 4.39 8.78
C ALA B 122 -20.74 3.10 9.58
N SER B 123 -19.65 2.78 10.30
CA SER B 123 -19.66 1.55 11.12
C SER B 123 -20.62 1.69 12.30
N ALA B 124 -20.69 2.88 12.92
CA ALA B 124 -21.70 3.06 13.97
C ALA B 124 -23.09 2.89 13.41
N LEU B 125 -23.35 3.50 12.24
CA LEU B 125 -24.71 3.46 11.69
C LEU B 125 -25.10 2.05 11.30
N LEU B 126 -24.20 1.32 10.65
CA LEU B 126 -24.54 0.05 10.05
C LEU B 126 -24.16 -1.16 10.91
N GLY B 127 -23.69 -0.96 12.13
CA GLY B 127 -23.35 -2.07 13.02
C GLY B 127 -22.10 -2.86 12.73
N LEU B 128 -21.01 -2.20 12.35
CA LEU B 128 -19.71 -2.81 12.19
C LEU B 128 -18.78 -2.34 13.29
N LYS B 129 -17.79 -3.16 13.64
CA LYS B 129 -16.74 -2.81 14.60
C LYS B 129 -15.54 -2.26 13.84
N CYS B 130 -15.07 -1.07 14.21
CA CYS B 130 -14.16 -0.32 13.35
C CYS B 130 -12.86 0.05 14.08
N ARG B 131 -11.72 -0.25 13.46
CA ARG B 131 -10.40 0.12 13.98
C ARG B 131 -9.62 0.84 12.89
N ILE B 132 -8.87 1.88 13.29
CA ILE B 132 -8.31 2.86 12.36
C ILE B 132 -6.86 3.13 12.70
N TYR B 133 -5.98 3.00 11.70
CA TYR B 133 -4.57 3.33 11.84
C TYR B 133 -4.33 4.75 11.36
N MET B 134 -3.53 5.50 12.11
CA MET B 134 -3.27 6.90 11.83
C MET B 134 -1.87 7.23 12.33
N GLY B 135 -1.09 7.90 11.50
CA GLY B 135 0.26 8.24 11.92
C GLY B 135 0.26 9.19 13.11
N ALA B 136 1.20 8.96 14.03
CA ALA B 136 1.29 9.75 15.25
C ALA B 136 1.49 11.24 14.96
N LYS B 137 2.21 11.58 13.89
CA LYS B 137 2.28 12.99 13.51
C LYS B 137 0.89 13.52 13.18
N ASP B 138 0.08 12.72 12.48
CA ASP B 138 -1.25 13.14 12.08
C ASP B 138 -2.24 13.12 13.25
N VAL B 139 -2.06 12.20 14.20
CA VAL B 139 -2.78 12.26 15.46
C VAL B 139 -2.76 13.69 16.01
N GLU B 140 -1.60 14.37 15.88
CA GLU B 140 -1.41 15.69 16.48
C GLU B 140 -1.95 16.83 15.61
N ARG B 141 -1.52 16.90 14.35
CA ARG B 141 -1.92 18.05 13.53
C ARG B 141 -3.36 17.95 13.02
N GLN B 142 -4.05 16.82 13.23
CA GLN B 142 -5.47 16.70 12.90
C GLN B 142 -6.25 16.14 14.09
N SER B 143 -5.85 16.52 15.30
CA SER B 143 -6.43 15.93 16.52
C SER B 143 -7.94 16.09 16.71
N PRO B 144 -8.62 17.15 16.21
CA PRO B 144 -10.10 17.16 16.30
C PRO B 144 -10.76 15.88 15.78
N ASN B 145 -10.22 15.32 14.70
CA ASN B 145 -10.79 14.11 14.12
C ASN B 145 -10.48 12.87 14.96
N VAL B 146 -9.39 12.89 15.71
CA VAL B 146 -9.10 11.75 16.59
C VAL B 146 -10.18 11.63 17.66
N PHE B 147 -10.51 12.75 18.32
CA PHE B 147 -11.64 12.77 19.26
C PHE B 147 -12.90 12.27 18.59
N ARG B 148 -13.18 12.79 17.38
CA ARG B 148 -14.44 12.47 16.71
C ARG B 148 -14.56 10.97 16.48
N MET B 149 -13.51 10.33 15.95
N MET B 149 -13.52 10.33 15.94
CA MET B 149 -13.56 8.88 15.75
CA MET B 149 -13.53 8.89 15.75
C MET B 149 -13.78 8.12 17.04
C MET B 149 -13.81 8.14 17.05
N ARG B 150 -13.10 8.52 18.11
CA ARG B 150 -13.27 7.80 19.38
C ARG B 150 -14.65 8.04 20.00
N LEU B 151 -15.23 9.23 19.79
CA LEU B 151 -16.58 9.45 20.33
C LEU B 151 -17.61 8.52 19.68
N MET B 152 -17.37 8.10 18.44
CA MET B 152 -18.29 7.22 17.72
C MET B 152 -18.00 5.74 17.91
N GLY B 153 -17.12 5.40 18.84
CA GLY B 153 -16.89 4.03 19.19
C GLY B 153 -15.79 3.33 18.42
N ALA B 154 -15.00 4.07 17.63
CA ALA B 154 -13.94 3.43 16.86
C ALA B 154 -12.67 3.35 17.70
N GLU B 155 -11.86 2.31 17.43
CA GLU B 155 -10.55 2.20 18.03
C GLU B 155 -9.53 2.90 17.15
N VAL B 156 -8.72 3.79 17.73
CA VAL B 156 -7.74 4.60 16.99
C VAL B 156 -6.34 4.23 17.46
N ILE B 157 -5.51 3.72 16.54
CA ILE B 157 -4.20 3.14 16.82
C ILE B 157 -3.13 4.07 16.25
N PRO B 158 -2.37 4.80 17.07
CA PRO B 158 -1.31 5.66 16.52
C PRO B 158 -0.13 4.84 16.03
N VAL B 159 0.40 5.22 14.87
CA VAL B 159 1.51 4.50 14.24
C VAL B 159 2.75 5.38 14.31
N HIS B 160 3.76 4.91 15.04
CA HIS B 160 4.96 5.69 15.32
C HIS B 160 6.16 5.32 14.44
N SER B 161 6.06 4.27 13.63
CA SER B 161 7.17 3.90 12.77
C SER B 161 7.24 4.83 11.56
N GLY B 162 8.37 4.77 10.85
CA GLY B 162 8.55 5.54 9.63
C GLY B 162 8.44 7.04 9.86
N SER B 163 7.69 7.70 8.97
CA SER B 163 7.38 9.12 9.11
C SER B 163 6.34 9.42 10.19
N ALA B 164 5.64 8.40 10.69
CA ALA B 164 4.43 8.60 11.49
C ALA B 164 3.38 9.41 10.71
N THR B 165 3.29 9.14 9.41
CA THR B 165 2.26 9.74 8.57
C THR B 165 1.59 8.61 7.79
N LEU B 166 0.85 9.00 6.75
CA LEU B 166 -0.13 8.14 6.10
C LEU B 166 0.47 6.84 5.56
N THR B 167 1.68 6.88 4.98
CA THR B 167 2.29 5.65 4.47
C THR B 167 2.36 4.57 5.54
N ASP B 168 2.76 4.95 6.76
CA ASP B 168 2.93 3.98 7.83
C ASP B 168 1.59 3.48 8.34
N ALA B 169 0.58 4.35 8.36
CA ALA B 169 -0.77 3.87 8.65
C ALA B 169 -1.28 2.94 7.56
N CYS B 170 -1.02 3.27 6.28
CA CYS B 170 -1.37 2.34 5.22
C CYS B 170 -0.71 0.97 5.46
N ASN B 171 0.59 0.96 5.74
CA ASN B 171 1.31 -0.31 5.94
C ASN B 171 0.69 -1.10 7.09
N GLU B 172 0.42 -0.43 8.20
CA GLU B 172 -0.12 -1.12 9.37
C GLU B 172 -1.52 -1.67 9.06
N ALA B 173 -2.34 -0.91 8.35
CA ALA B 173 -3.66 -1.41 7.94
C ALA B 173 -3.54 -2.70 7.15
N LEU B 174 -2.65 -2.71 6.15
CA LEU B 174 -2.55 -3.88 5.28
C LEU B 174 -1.97 -5.06 6.02
N ARG B 175 -0.99 -4.83 6.89
CA ARG B 175 -0.47 -5.90 7.74
C ARG B 175 -1.60 -6.55 8.51
N ASP B 176 -2.48 -5.74 9.11
CA ASP B 176 -3.61 -6.23 9.89
C ASP B 176 -4.57 -7.06 9.05
N TRP B 177 -5.00 -6.50 7.90
CA TRP B 177 -5.91 -7.23 7.02
C TRP B 177 -5.34 -8.55 6.55
N SER B 178 -4.02 -8.63 6.38
CA SER B 178 -3.49 -9.89 5.86
C SER B 178 -3.68 -11.01 6.86
N GLY B 179 -3.95 -10.68 8.13
CA GLY B 179 -4.25 -11.68 9.14
C GLY B 179 -5.65 -11.59 9.74
N SER B 180 -6.55 -10.77 9.16
CA SER B 180 -7.91 -10.75 9.71
C SER B 180 -9.00 -10.70 8.64
N TYR B 181 -8.71 -11.09 7.40
CA TYR B 181 -9.60 -10.78 6.27
C TYR B 181 -10.87 -11.65 6.20
N GLU B 182 -10.90 -12.82 6.84
CA GLU B 182 -12.16 -13.58 6.84
C GLU B 182 -13.25 -12.84 7.60
N THR B 183 -12.88 -12.00 8.57
CA THR B 183 -13.89 -11.31 9.37
C THR B 183 -13.87 -9.80 9.23
N ALA B 184 -12.78 -9.20 8.76
CA ALA B 184 -12.70 -7.75 8.62
C ALA B 184 -12.74 -7.41 7.14
N HIS B 185 -13.42 -6.31 6.80
CA HIS B 185 -13.26 -5.72 5.47
C HIS B 185 -12.30 -4.54 5.58
N TYR B 186 -11.33 -4.46 4.68
CA TYR B 186 -10.40 -3.33 4.68
C TYR B 186 -11.05 -2.22 3.87
N MET B 187 -11.48 -1.16 4.58
CA MET B 187 -12.12 -0.01 3.96
C MET B 187 -11.05 0.97 3.54
N LEU B 188 -10.46 0.69 2.37
CA LEU B 188 -9.43 1.59 1.85
C LEU B 188 -10.02 2.96 1.53
N GLY B 189 -9.28 4.01 1.87
CA GLY B 189 -9.82 5.36 1.87
C GLY B 189 -9.59 6.20 0.62
N THR B 190 -9.06 5.63 -0.45
CA THR B 190 -8.78 6.44 -1.64
C THR B 190 -8.78 5.54 -2.88
N ALA B 191 -8.60 6.17 -4.06
CA ALA B 191 -8.71 5.43 -5.32
C ALA B 191 -7.32 4.93 -5.73
N ALA B 192 -6.73 4.15 -4.83
CA ALA B 192 -5.41 3.60 -5.01
C ALA B 192 -5.41 2.24 -4.33
N GLY B 193 -4.24 1.62 -4.24
CA GLY B 193 -4.17 0.27 -3.73
C GLY B 193 -4.41 -0.77 -4.81
N PRO B 194 -4.53 -2.05 -4.41
CA PRO B 194 -4.70 -3.11 -5.41
C PRO B 194 -6.11 -3.08 -5.97
N HIS B 195 -6.25 -3.50 -7.24
CA HIS B 195 -7.57 -3.75 -7.80
C HIS B 195 -8.34 -4.68 -6.87
N PRO B 196 -9.65 -4.42 -6.59
CA PRO B 196 -10.54 -3.53 -7.34
C PRO B 196 -10.74 -2.16 -6.70
N TYR B 197 -9.93 -1.80 -5.72
CA TYR B 197 -10.20 -0.55 -5.00
C TYR B 197 -10.21 0.67 -5.91
N PRO B 198 -9.25 0.89 -6.83
CA PRO B 198 -9.31 2.12 -7.64
C PRO B 198 -10.61 2.24 -8.42
N THR B 199 -11.13 1.10 -8.88
CA THR B 199 -12.40 1.07 -9.62
C THR B 199 -13.59 1.31 -8.71
N ILE B 200 -13.65 0.57 -7.59
CA ILE B 200 -14.76 0.68 -6.67
C ILE B 200 -14.84 2.10 -6.14
N VAL B 201 -13.69 2.65 -5.71
CA VAL B 201 -13.71 3.99 -5.10
C VAL B 201 -14.17 5.05 -6.09
N ARG B 202 -13.77 4.92 -7.36
CA ARG B 202 -14.25 5.85 -8.39
C ARG B 202 -15.77 5.75 -8.55
N GLU B 203 -16.28 4.52 -8.70
CA GLU B 203 -17.72 4.38 -8.93
C GLU B 203 -18.52 4.87 -7.75
N PHE B 204 -17.98 4.73 -6.54
CA PHE B 204 -18.70 5.16 -5.35
C PHE B 204 -18.46 6.63 -5.02
N GLN B 205 -17.66 7.35 -5.84
CA GLN B 205 -17.49 8.80 -5.72
C GLN B 205 -17.94 9.57 -6.94
N ARG B 206 -18.36 8.90 -8.01
CA ARG B 206 -18.68 9.55 -9.27
C ARG B 206 -19.91 10.43 -9.20
N MET B 207 -20.70 10.40 -8.11
CA MET B 207 -21.78 11.35 -7.98
C MET B 207 -21.27 12.78 -7.83
N ILE B 208 -20.02 12.98 -7.41
CA ILE B 208 -19.48 14.33 -7.32
C ILE B 208 -19.55 15.00 -8.69
N GLY B 209 -19.00 14.32 -9.71
CA GLY B 209 -19.00 14.87 -11.06
C GLY B 209 -20.35 14.81 -11.73
N GLU B 210 -21.15 13.79 -11.43
CA GLU B 210 -22.46 13.66 -12.05
C GLU B 210 -23.36 14.81 -11.62
N GLU B 211 -23.38 15.10 -10.31
CA GLU B 211 -24.15 16.24 -9.84
C GLU B 211 -23.60 17.54 -10.44
N THR B 212 -22.29 17.73 -10.37
CA THR B 212 -21.65 18.94 -10.93
C THR B 212 -22.09 19.17 -12.38
N LYS B 213 -22.06 18.12 -13.21
CA LYS B 213 -22.49 18.29 -14.60
C LYS B 213 -23.93 18.79 -14.69
N ALA B 214 -24.87 18.13 -13.98
CA ALA B 214 -26.26 18.57 -14.04
C ALA B 214 -26.44 19.97 -13.49
N GLN B 215 -25.69 20.31 -12.44
CA GLN B 215 -25.87 21.60 -11.82
C GLN B 215 -25.35 22.71 -12.73
N ILE B 216 -24.22 22.48 -13.38
N ILE B 216 -24.19 22.48 -13.34
CA ILE B 216 -23.68 23.57 -14.19
CA ILE B 216 -23.61 23.48 -14.23
C ILE B 216 -24.43 23.69 -15.52
C ILE B 216 -24.52 23.69 -15.44
N LEU B 217 -25.00 22.60 -16.03
CA LEU B 217 -25.91 22.71 -17.17
C LEU B 217 -27.14 23.53 -16.80
N ASP B 218 -27.69 23.31 -15.61
CA ASP B 218 -28.86 24.08 -15.21
C ASP B 218 -28.53 25.56 -15.00
N LYS B 219 -27.36 25.87 -14.40
CA LYS B 219 -27.09 27.26 -14.06
C LYS B 219 -26.43 28.01 -15.22
N GLU B 220 -25.66 27.33 -16.03
CA GLU B 220 -24.88 27.98 -17.07
C GLU B 220 -25.22 27.53 -18.47
N GLY B 221 -26.01 26.47 -18.64
CA GLY B 221 -26.43 26.03 -19.95
C GLY B 221 -25.33 25.42 -20.80
N ARG B 222 -24.26 24.96 -20.17
CA ARG B 222 -23.12 24.42 -20.91
C ARG B 222 -22.19 23.75 -19.91
N LEU B 223 -21.22 22.99 -20.44
CA LEU B 223 -20.26 22.33 -19.59
C LEU B 223 -19.19 23.30 -19.10
N PRO B 224 -18.50 22.97 -18.01
CA PRO B 224 -17.38 23.81 -17.58
C PRO B 224 -16.18 23.70 -18.51
N ASP B 225 -15.40 24.80 -18.53
CA ASP B 225 -14.12 24.78 -19.23
C ASP B 225 -13.12 23.86 -18.53
N ALA B 226 -13.18 23.75 -17.19
CA ALA B 226 -12.26 22.86 -16.48
C ALA B 226 -12.79 22.57 -15.09
N VAL B 227 -12.53 21.35 -14.61
CA VAL B 227 -12.77 21.00 -13.21
C VAL B 227 -11.44 20.70 -12.53
N ILE B 228 -11.29 21.14 -11.30
CA ILE B 228 -10.01 21.18 -10.60
C ILE B 228 -10.17 20.54 -9.22
N ALA B 229 -9.29 19.57 -8.89
CA ALA B 229 -9.31 18.84 -7.61
C ALA B 229 -7.91 18.51 -7.08
N CYS B 230 -7.78 18.52 -5.75
CA CYS B 230 -6.53 18.10 -5.12
C CYS B 230 -6.38 16.58 -5.21
N VAL B 231 -5.16 16.11 -5.13
CA VAL B 231 -4.86 14.68 -5.34
C VAL B 231 -3.97 14.21 -4.20
N GLY B 232 -4.56 13.48 -3.27
CA GLY B 232 -3.78 12.92 -2.19
C GLY B 232 -3.46 11.49 -2.49
N GLY B 233 -4.51 10.65 -2.64
CA GLY B 233 -4.45 9.36 -3.30
C GLY B 233 -5.30 9.30 -4.55
N GLY B 234 -6.26 10.21 -4.71
CA GLY B 234 -6.98 10.30 -5.97
C GLY B 234 -8.51 10.21 -5.91
N SER B 235 -9.13 10.09 -4.72
CA SER B 235 -10.55 9.76 -4.76
C SER B 235 -11.43 10.96 -5.09
N ASN B 236 -11.26 12.13 -4.43
CA ASN B 236 -12.19 13.22 -4.80
C ASN B 236 -11.97 13.71 -6.24
N ALA B 237 -10.73 13.67 -6.73
CA ALA B 237 -10.46 14.07 -8.12
C ALA B 237 -11.07 13.08 -9.13
N ILE B 238 -10.90 11.77 -8.94
CA ILE B 238 -11.53 10.87 -9.90
C ILE B 238 -13.05 10.90 -9.76
N GLY B 239 -13.58 11.17 -8.56
CA GLY B 239 -15.03 11.30 -8.40
C GLY B 239 -15.57 12.51 -9.13
N MET B 240 -14.79 13.61 -9.12
CA MET B 240 -15.16 14.78 -9.93
C MET B 240 -14.95 14.52 -11.43
N PHE B 241 -13.83 13.87 -11.81
CA PHE B 241 -13.49 13.70 -13.23
C PHE B 241 -14.43 12.76 -13.98
N ALA B 242 -14.92 11.67 -13.32
CA ALA B 242 -15.30 10.46 -14.06
C ALA B 242 -16.33 10.75 -15.13
N ASP B 243 -17.34 11.53 -14.77
CA ASP B 243 -18.46 11.76 -15.68
C ASP B 243 -18.13 12.75 -16.76
N PHE B 244 -17.00 13.44 -16.66
CA PHE B 244 -16.54 14.35 -17.71
C PHE B 244 -15.51 13.73 -18.65
N ILE B 245 -15.06 12.50 -18.40
CA ILE B 245 -13.93 11.96 -19.16
C ILE B 245 -14.26 11.94 -20.66
N ASN B 246 -15.48 11.51 -21.02
CA ASN B 246 -15.88 11.48 -22.43
C ASN B 246 -16.28 12.84 -23.00
N ASP B 247 -16.39 13.89 -22.18
CA ASP B 247 -16.62 15.25 -22.70
C ASP B 247 -15.25 15.89 -22.97
N THR B 248 -14.72 15.68 -24.18
CA THR B 248 -13.33 16.03 -24.44
C THR B 248 -13.03 17.53 -24.37
N SER B 249 -14.03 18.39 -24.36
CA SER B 249 -13.76 19.82 -24.22
C SER B 249 -13.49 20.24 -22.78
N VAL B 250 -13.82 19.40 -21.79
CA VAL B 250 -13.69 19.76 -20.39
C VAL B 250 -12.30 19.39 -19.90
N GLY B 251 -11.58 20.39 -19.40
CA GLY B 251 -10.27 20.12 -18.83
C GLY B 251 -10.40 19.44 -17.48
N LEU B 252 -9.49 18.50 -17.20
CA LEU B 252 -9.42 17.80 -15.92
C LEU B 252 -8.08 18.13 -15.27
N ILE B 253 -8.08 18.82 -14.13
CA ILE B 253 -6.82 19.29 -13.55
C ILE B 253 -6.71 18.77 -12.14
N GLY B 254 -5.66 18.00 -11.86
CA GLY B 254 -5.43 17.45 -10.55
C GLY B 254 -4.26 18.20 -9.96
N VAL B 255 -4.31 18.46 -8.65
CA VAL B 255 -3.34 19.30 -7.97
C VAL B 255 -2.66 18.51 -6.89
N GLU B 256 -1.29 18.26 -7.03
CA GLU B 256 -0.49 17.56 -6.03
C GLU B 256 0.13 18.54 -5.06
N PRO B 257 0.38 18.11 -3.81
CA PRO B 257 1.04 19.02 -2.86
C PRO B 257 2.50 19.27 -3.25
N GLY B 258 2.88 20.56 -3.31
CA GLY B 258 4.25 20.97 -3.54
C GLY B 258 5.04 21.12 -2.28
N GLY B 259 4.38 21.01 -1.13
CA GLY B 259 5.07 21.11 0.16
C GLY B 259 5.89 22.38 0.33
N HIS B 260 7.16 22.23 0.69
CA HIS B 260 8.08 23.36 0.82
C HIS B 260 8.61 23.85 -0.53
N GLY B 261 8.22 23.21 -1.62
CA GLY B 261 8.73 23.51 -2.94
C GLY B 261 9.29 22.22 -3.52
N ILE B 262 8.97 21.93 -4.79
CA ILE B 262 9.44 20.71 -5.42
C ILE B 262 10.94 20.59 -5.34
N GLU B 263 11.65 21.71 -5.54
CA GLU B 263 13.11 21.68 -5.55
C GLU B 263 13.71 21.28 -4.21
N THR B 264 12.98 21.43 -3.10
CA THR B 264 13.49 20.99 -1.80
C THR B 264 13.38 19.48 -1.61
N GLY B 265 12.60 18.81 -2.44
CA GLY B 265 12.35 17.38 -2.26
C GLY B 265 11.37 17.09 -1.16
N GLU B 266 10.85 18.13 -0.49
CA GLU B 266 9.85 17.98 0.58
C GLU B 266 8.48 18.32 0.00
N HIS B 267 7.85 17.32 -0.59
CA HIS B 267 6.62 17.50 -1.35
C HIS B 267 5.88 16.15 -1.39
N GLY B 268 4.74 16.15 -2.06
CA GLY B 268 3.92 14.96 -2.18
C GLY B 268 3.40 14.79 -3.60
N ALA B 269 4.29 15.03 -4.59
CA ALA B 269 3.93 15.13 -6.00
C ALA B 269 4.66 14.05 -6.81
N PRO B 270 4.33 12.78 -6.59
CA PRO B 270 4.99 11.69 -7.37
C PRO B 270 4.50 11.60 -8.80
N LEU B 271 3.26 12.00 -9.10
CA LEU B 271 2.80 11.84 -10.47
C LEU B 271 3.65 12.67 -11.42
N LYS B 272 3.98 13.88 -11.01
CA LYS B 272 4.79 14.72 -11.89
C LYS B 272 6.28 14.73 -11.54
N HIS B 273 6.69 14.23 -10.37
CA HIS B 273 8.07 14.36 -9.92
C HIS B 273 8.64 13.06 -9.36
N GLY B 274 7.90 11.96 -9.46
CA GLY B 274 8.40 10.70 -8.94
C GLY B 274 8.68 9.80 -10.12
N ARG B 275 8.62 8.49 -9.91
CA ARG B 275 8.80 7.60 -11.04
C ARG B 275 8.12 6.28 -10.70
N VAL B 276 7.70 5.56 -11.75
CA VAL B 276 6.83 4.42 -11.54
C VAL B 276 7.54 3.38 -10.66
N GLY B 277 6.75 2.68 -9.83
CA GLY B 277 7.28 1.74 -8.85
C GLY B 277 6.17 0.81 -8.46
N ILE B 278 6.45 -0.13 -7.56
CA ILE B 278 5.46 -1.13 -7.11
C ILE B 278 5.41 -1.07 -5.59
N TYR B 279 4.27 -0.68 -5.06
CA TYR B 279 4.12 -0.61 -3.61
C TYR B 279 2.66 -0.27 -3.32
N PHE B 280 2.21 -0.55 -2.09
N PHE B 280 2.21 -0.54 -2.09
CA PHE B 280 0.79 -0.43 -1.71
CA PHE B 280 0.80 -0.37 -1.71
C PHE B 280 -0.10 -1.19 -2.68
C PHE B 280 -0.13 -1.25 -2.56
N GLY B 281 0.38 -2.35 -3.12
CA GLY B 281 -0.41 -3.24 -3.97
C GLY B 281 -0.62 -2.80 -5.41
N MET B 282 0.15 -1.85 -5.92
CA MET B 282 -0.16 -1.30 -7.23
C MET B 282 1.13 -0.83 -7.88
N LYS B 283 1.13 -0.83 -9.21
CA LYS B 283 2.17 -0.21 -10.01
C LYS B 283 1.76 1.25 -10.31
N ALA B 284 2.49 2.20 -9.77
CA ALA B 284 2.07 3.59 -9.84
C ALA B 284 3.28 4.49 -9.62
N PRO B 285 3.21 5.77 -10.04
CA PRO B 285 4.27 6.73 -9.68
C PRO B 285 4.47 6.82 -8.18
N MET B 286 5.73 6.82 -7.78
CA MET B 286 6.17 6.74 -6.40
C MET B 286 7.26 7.78 -6.20
N MET B 287 7.30 8.37 -5.01
CA MET B 287 8.52 9.04 -4.56
C MET B 287 9.47 7.95 -4.06
N GLN B 288 10.65 7.81 -4.67
CA GLN B 288 11.56 6.77 -4.22
C GLN B 288 13.01 7.21 -4.38
N THR B 289 13.89 6.60 -3.57
CA THR B 289 15.33 6.79 -3.74
C THR B 289 15.83 6.14 -5.05
N ALA B 290 17.06 6.48 -5.45
CA ALA B 290 17.66 5.87 -6.62
C ALA B 290 17.67 4.35 -6.51
N ASP B 291 17.78 3.82 -5.29
CA ASP B 291 17.85 2.39 -5.02
C ASP B 291 16.49 1.68 -4.98
N GLY B 292 15.38 2.43 -5.02
CA GLY B 292 14.06 1.82 -4.96
C GLY B 292 13.43 1.79 -3.59
N GLN B 293 14.02 2.50 -2.62
CA GLN B 293 13.40 2.64 -1.32
C GLN B 293 12.31 3.71 -1.43
N ILE B 294 11.16 3.47 -0.80
CA ILE B 294 10.04 4.41 -0.88
C ILE B 294 10.38 5.65 -0.05
N GLU B 295 10.32 6.81 -0.67
CA GLU B 295 10.68 8.04 0.02
C GLU B 295 9.55 8.51 0.95
N GLU B 296 9.92 9.32 1.91
CA GLU B 296 8.92 10.01 2.74
C GLU B 296 8.44 11.26 2.03
N SER B 297 7.11 11.45 2.01
CA SER B 297 6.52 12.65 1.42
C SER B 297 6.45 13.74 2.47
N TYR B 298 6.11 14.95 2.02
CA TYR B 298 5.77 16.03 2.94
C TYR B 298 4.65 16.90 2.37
N SER B 299 3.69 17.30 3.22
CA SER B 299 2.75 18.37 2.90
C SER B 299 2.28 18.97 4.20
N ILE B 300 2.06 20.29 4.18
CA ILE B 300 1.36 20.87 5.31
C ILE B 300 0.03 20.15 5.58
N SER B 301 -0.59 19.60 4.54
CA SER B 301 -1.89 18.94 4.67
C SER B 301 -1.68 17.45 4.84
N ALA B 302 -2.09 16.93 5.99
CA ALA B 302 -1.99 15.49 6.23
C ALA B 302 -2.70 14.69 5.16
N GLY B 303 -3.85 15.18 4.67
CA GLY B 303 -4.59 14.38 3.69
C GLY B 303 -3.91 14.21 2.32
N LEU B 304 -2.90 15.04 2.00
CA LEU B 304 -2.17 14.93 0.75
C LEU B 304 -0.79 14.34 0.95
N ASP B 305 -0.37 14.08 2.19
CA ASP B 305 1.01 13.75 2.54
C ASP B 305 1.20 12.25 2.30
N PHE B 306 1.33 11.87 1.01
CA PHE B 306 1.38 10.44 0.57
C PHE B 306 2.34 10.35 -0.62
N PRO B 307 3.29 9.41 -0.61
CA PRO B 307 4.30 9.38 -1.68
C PRO B 307 3.88 8.66 -2.94
N SER B 308 2.58 8.36 -3.12
CA SER B 308 2.12 7.79 -4.36
C SER B 308 0.78 8.41 -4.76
N VAL B 309 0.11 7.76 -5.71
CA VAL B 309 -1.09 8.28 -6.36
C VAL B 309 -1.81 7.12 -7.04
N GLY B 310 -3.13 7.24 -7.16
CA GLY B 310 -3.96 6.21 -7.78
C GLY B 310 -3.64 5.99 -9.26
N PRO B 311 -3.81 4.76 -9.74
CA PRO B 311 -3.33 4.42 -11.09
C PRO B 311 -4.16 4.98 -12.23
N GLN B 312 -5.45 5.28 -12.00
CA GLN B 312 -6.20 5.91 -13.09
C GLN B 312 -5.68 7.32 -13.37
N HIS B 313 -5.21 8.06 -12.35
CA HIS B 313 -4.62 9.38 -12.60
C HIS B 313 -3.30 9.29 -13.36
N ALA B 314 -2.45 8.33 -13.00
CA ALA B 314 -1.24 8.10 -13.79
C ALA B 314 -1.58 7.81 -15.26
N TYR B 315 -2.63 7.03 -15.50
CA TYR B 315 -3.06 6.73 -16.89
C TYR B 315 -3.64 7.96 -17.60
N LEU B 316 -4.61 8.65 -16.96
CA LEU B 316 -5.17 9.85 -17.59
C LEU B 316 -4.09 10.86 -17.92
N ASN B 317 -3.07 10.98 -17.07
CA ASN B 317 -1.96 11.85 -17.40
C ASN B 317 -1.20 11.35 -18.63
N SER B 318 -0.91 10.05 -18.65
N SER B 318 -0.87 10.06 -18.64
CA SER B 318 -0.02 9.50 -19.67
CA SER B 318 -0.01 9.51 -19.68
C SER B 318 -0.56 9.72 -21.08
C SER B 318 -0.56 9.81 -21.07
N ILE B 319 -1.88 9.60 -21.26
CA ILE B 319 -2.51 9.88 -22.54
C ILE B 319 -2.88 11.35 -22.76
N GLY B 320 -2.65 12.21 -21.78
CA GLY B 320 -2.95 13.62 -21.96
C GLY B 320 -4.39 14.00 -21.76
N ARG B 321 -5.23 13.11 -21.20
CA ARG B 321 -6.61 13.49 -21.02
C ARG B 321 -6.74 14.42 -19.81
N ALA B 322 -5.91 14.23 -18.80
CA ALA B 322 -5.96 15.06 -17.59
C ALA B 322 -4.57 15.65 -17.37
N ASP B 323 -4.53 16.86 -16.83
CA ASP B 323 -3.28 17.55 -16.54
C ASP B 323 -3.08 17.69 -15.04
N TYR B 324 -1.84 17.56 -14.60
CA TYR B 324 -1.55 17.62 -13.16
C TYR B 324 -0.50 18.67 -12.85
N VAL B 325 -0.72 19.41 -11.76
CA VAL B 325 0.10 20.55 -11.36
C VAL B 325 0.40 20.39 -9.88
N SER B 326 1.20 21.31 -9.34
CA SER B 326 1.42 21.31 -7.89
C SER B 326 1.22 22.71 -7.31
N ILE B 327 0.94 22.73 -5.99
CA ILE B 327 0.68 23.93 -5.20
C ILE B 327 1.44 23.79 -3.89
N THR B 328 2.23 24.82 -3.52
CA THR B 328 3.03 24.75 -2.28
C THR B 328 2.21 25.00 -1.01
N ASP B 329 2.83 24.72 0.15
CA ASP B 329 2.21 25.03 1.43
C ASP B 329 1.76 26.47 1.46
N ASP B 330 2.64 27.40 1.05
CA ASP B 330 2.31 28.82 1.19
C ASP B 330 1.16 29.20 0.28
N GLU B 331 1.11 28.64 -0.92
CA GLU B 331 0.03 28.96 -1.85
C GLU B 331 -1.30 28.42 -1.33
N ALA B 332 -1.28 27.18 -0.82
CA ALA B 332 -2.51 26.65 -0.22
C ALA B 332 -2.98 27.52 0.96
N LEU B 333 -2.05 28.00 1.79
CA LEU B 333 -2.46 28.81 2.94
C LEU B 333 -3.08 30.12 2.49
N GLU B 334 -2.57 30.71 1.42
N GLU B 334 -2.55 30.73 1.42
CA GLU B 334 -3.12 31.98 0.95
CA GLU B 334 -3.14 31.98 0.94
C GLU B 334 -4.54 31.79 0.40
C GLU B 334 -4.57 31.76 0.45
N ALA B 335 -4.79 30.67 -0.27
CA ALA B 335 -6.14 30.40 -0.77
C ALA B 335 -7.09 30.07 0.37
N PHE B 336 -6.59 29.38 1.41
CA PHE B 336 -7.37 29.15 2.63
C PHE B 336 -7.87 30.47 3.21
N LYS B 337 -6.94 31.41 3.43
CA LYS B 337 -7.32 32.72 3.96
C LYS B 337 -8.28 33.44 3.04
N THR B 338 -8.01 33.42 1.73
CA THR B 338 -8.88 34.11 0.78
C THR B 338 -10.32 33.60 0.86
N LEU B 339 -10.51 32.28 0.90
CA LEU B 339 -11.86 31.74 0.95
C LEU B 339 -12.57 32.10 2.26
N CYS B 340 -11.88 32.03 3.40
CA CYS B 340 -12.52 32.38 4.68
C CYS B 340 -13.02 33.80 4.66
N ARG B 341 -12.17 34.71 4.17
CA ARG B 341 -12.43 36.13 4.31
C ARG B 341 -13.33 36.66 3.23
N HIS B 342 -13.31 36.08 2.04
CA HIS B 342 -14.11 36.66 0.98
C HIS B 342 -15.32 35.83 0.55
N GLU B 343 -15.49 34.61 1.07
CA GLU B 343 -16.71 33.85 0.76
C GLU B 343 -17.32 33.25 2.00
N GLY B 344 -16.67 33.41 3.16
CA GLY B 344 -17.24 32.86 4.38
C GLY B 344 -17.27 31.36 4.47
N ILE B 345 -16.31 30.67 3.82
CA ILE B 345 -16.25 29.19 3.84
C ILE B 345 -14.85 28.83 4.30
N ILE B 346 -14.75 27.93 5.29
CA ILE B 346 -13.45 27.59 5.84
C ILE B 346 -13.13 26.24 5.20
N PRO B 347 -12.25 26.21 4.20
CA PRO B 347 -11.94 24.96 3.49
C PRO B 347 -10.88 24.12 4.18
N ALA B 348 -10.93 22.79 3.94
CA ALA B 348 -9.80 21.95 4.33
C ALA B 348 -8.54 22.42 3.62
N LEU B 349 -7.40 22.26 4.29
CA LEU B 349 -6.15 22.62 3.64
C LEU B 349 -5.89 21.76 2.40
N GLU B 350 -6.43 20.54 2.36
CA GLU B 350 -6.29 19.74 1.13
C GLU B 350 -7.02 20.44 -0.01
N SER B 351 -8.29 20.80 0.22
CA SER B 351 -9.06 21.44 -0.84
C SER B 351 -8.47 22.78 -1.21
N SER B 352 -7.82 23.43 -0.24
CA SER B 352 -7.20 24.74 -0.48
C SER B 352 -6.14 24.65 -1.58
N HIS B 353 -5.55 23.46 -1.77
CA HIS B 353 -4.59 23.34 -2.87
C HIS B 353 -5.31 23.45 -4.21
N ALA B 354 -6.48 22.83 -4.32
CA ALA B 354 -7.27 22.93 -5.55
C ALA B 354 -7.71 24.37 -5.80
N LEU B 355 -8.25 25.01 -4.76
CA LEU B 355 -8.62 26.41 -4.85
C LEU B 355 -7.43 27.29 -5.29
N ALA B 356 -6.27 27.12 -4.67
CA ALA B 356 -5.11 27.92 -5.01
C ALA B 356 -4.79 27.84 -6.50
N HIS B 357 -4.90 26.64 -7.10
CA HIS B 357 -4.58 26.55 -8.51
C HIS B 357 -5.63 27.26 -9.37
N ALA B 358 -6.90 27.15 -9.01
CA ALA B 358 -7.92 27.88 -9.75
C ALA B 358 -7.68 29.38 -9.64
N LEU B 359 -7.28 29.86 -8.45
CA LEU B 359 -7.03 31.30 -8.30
C LEU B 359 -5.83 31.73 -9.14
N LYS B 360 -4.82 30.87 -9.22
CA LYS B 360 -3.72 31.10 -10.15
C LYS B 360 -4.21 31.19 -11.60
N MET B 361 -5.03 30.22 -12.03
CA MET B 361 -5.55 30.25 -13.40
C MET B 361 -6.24 31.57 -13.71
N MET B 362 -7.05 32.05 -12.75
CA MET B 362 -7.70 33.36 -12.89
C MET B 362 -6.68 34.50 -12.90
N ARG B 363 -5.80 34.53 -11.90
CA ARG B 363 -4.96 35.71 -11.70
C ARG B 363 -3.92 35.85 -12.79
N GLU B 364 -3.44 34.73 -13.34
CA GLU B 364 -2.39 34.78 -14.33
C GLU B 364 -2.90 35.33 -15.64
N GLN B 365 -4.18 35.14 -15.91
CA GLN B 365 -4.81 35.49 -17.19
C GLN B 365 -6.20 36.04 -16.91
N PRO B 366 -6.28 37.25 -16.35
CA PRO B 366 -7.56 37.72 -15.79
C PRO B 366 -8.58 38.16 -16.83
N GLU B 367 -8.18 38.34 -18.09
N GLU B 367 -8.18 38.35 -18.10
CA GLU B 367 -9.10 38.62 -19.17
CA GLU B 367 -9.13 38.61 -19.17
C GLU B 367 -9.40 37.39 -20.01
C GLU B 367 -9.49 37.36 -19.95
N LYS B 368 -8.99 36.21 -19.56
CA LYS B 368 -9.39 34.97 -20.18
C LYS B 368 -10.77 34.57 -19.66
N GLU B 369 -11.72 34.36 -20.58
CA GLU B 369 -13.05 33.89 -20.20
C GLU B 369 -13.01 32.41 -19.86
N GLN B 370 -13.36 32.05 -18.62
CA GLN B 370 -13.32 30.63 -18.29
C GLN B 370 -14.31 30.37 -17.16
N LEU B 371 -14.95 29.23 -17.29
CA LEU B 371 -15.93 28.69 -16.33
C LEU B 371 -15.27 27.49 -15.64
N LEU B 372 -14.96 27.66 -14.34
CA LEU B 372 -14.18 26.68 -13.59
C LEU B 372 -15.01 26.10 -12.45
N VAL B 373 -14.79 24.82 -12.12
CA VAL B 373 -15.35 24.20 -10.90
C VAL B 373 -14.20 23.66 -10.06
N VAL B 374 -14.17 24.06 -8.79
CA VAL B 374 -13.25 23.48 -7.82
C VAL B 374 -14.03 22.46 -6.98
N ASN B 375 -13.47 21.30 -6.86
CA ASN B 375 -13.92 20.30 -5.93
C ASN B 375 -13.53 20.72 -4.52
N LEU B 376 -14.50 21.23 -3.73
CA LEU B 376 -14.17 21.64 -2.37
C LEU B 376 -14.36 20.44 -1.48
N SER B 377 -13.30 19.64 -1.34
CA SER B 377 -13.47 18.27 -0.88
C SER B 377 -13.80 18.17 0.60
N GLY B 378 -13.39 19.15 1.40
CA GLY B 378 -13.75 19.16 2.81
C GLY B 378 -13.74 20.51 3.46
N ARG B 379 -14.29 20.56 4.69
N ARG B 379 -14.27 20.55 4.68
CA ARG B 379 -14.25 21.77 5.48
CA ARG B 379 -14.24 21.75 5.51
C ARG B 379 -13.01 21.74 6.38
C ARG B 379 -12.99 21.74 6.37
N GLY B 380 -12.64 22.92 6.88
CA GLY B 380 -11.37 23.15 7.53
C GLY B 380 -11.33 23.17 9.04
N ASP B 381 -12.42 22.76 9.71
CA ASP B 381 -12.42 22.73 11.17
C ASP B 381 -11.26 21.92 11.73
N LYS B 382 -10.89 20.83 11.08
CA LYS B 382 -9.78 20.03 11.59
C LYS B 382 -8.44 20.76 11.47
N ASP B 383 -8.35 21.84 10.67
CA ASP B 383 -7.10 22.55 10.38
C ASP B 383 -6.91 23.86 11.15
N ILE B 384 -7.92 24.33 11.89
CA ILE B 384 -7.83 25.69 12.39
C ILE B 384 -6.72 25.83 13.43
N PHE B 385 -6.43 24.77 14.18
CA PHE B 385 -5.37 24.85 15.17
C PHE B 385 -3.99 24.81 14.52
N THR B 386 -3.81 23.96 13.50
CA THR B 386 -2.57 23.99 12.73
C THR B 386 -2.36 25.34 12.08
N VAL B 387 -3.42 25.90 11.49
CA VAL B 387 -3.29 27.18 10.80
C VAL B 387 -2.98 28.29 11.78
N HIS B 388 -3.61 28.26 12.96
CA HIS B 388 -3.36 29.31 13.96
C HIS B 388 -1.91 29.31 14.42
N ASP B 389 -1.33 28.14 14.67
CA ASP B 389 0.07 28.08 15.07
C ASP B 389 1.02 28.58 13.99
N ILE B 390 0.66 28.41 12.71
CA ILE B 390 1.46 29.00 11.64
C ILE B 390 1.36 30.51 11.67
N LEU B 391 0.14 31.05 11.63
CA LEU B 391 -0.03 32.50 11.57
C LEU B 391 0.61 33.19 12.77
N LYS B 392 0.72 32.48 13.89
CA LYS B 392 1.40 33.06 15.04
C LYS B 392 2.91 32.95 14.91
N ALA B 393 3.41 31.85 14.32
CA ALA B 393 4.85 31.73 14.11
C ALA B 393 5.37 32.81 13.16
N ARG B 394 4.57 33.20 12.17
CA ARG B 394 4.99 34.22 11.22
C ARG B 394 4.54 35.62 11.61
N GLY B 395 4.09 35.80 12.85
CA GLY B 395 3.73 37.12 13.34
C GLY B 395 2.49 37.71 12.69
N GLU B 396 1.32 37.12 12.97
CA GLU B 396 0.06 37.66 12.47
C GLU B 396 -0.94 37.87 13.59
#